data_4NSN
#
_entry.id   4NSN
#
_cell.length_a   69.971
_cell.length_b   121.040
_cell.length_c   180.497
_cell.angle_alpha   90.000
_cell.angle_beta   90.000
_cell.angle_gamma   90.000
#
_symmetry.space_group_name_H-M   'C 2 2 21'
#
loop_
_entity.id
_entity.type
_entity.pdbx_description
1 polymer 'Purine nucleoside phosphorylase'
2 non-polymer ADENINE
3 non-polymer 'SULFATE ION'
4 water water
#
_entity_poly.entity_id   1
_entity_poly.type   'polypeptide(L)'
_entity_poly.pdbx_seq_one_letter_code
;(MSE)HHHHHHSSGVDLGTENLYFQS(MSE)KLQEQHYHEAASFLSSRLPGDAKTAIILGSGLGELAEKIENKTVIPYNE
IPHFAQATAVGHKGNIIGGILGGTPVVA(MSE)QGRFHYYEGYS(MSE)DQVTFPIRV(MSE)KLLGIENLFVSNAAGGI
NTSFKVGDL(MSE)II(CSO)DHINNLPNPLIGPN(MSE)D(MSE)FGVRFPD(MSE)TRAYDREFIAKAKGIAQELNIP
VKEGVYVGLTGPSYETPAEYKFWGQVGGDAIG(MSE)STVPEVIVARHTGIRVFG(MSE)SVITNEGYHFADDFVNDEQD
VIRAANAASEK(MSE)GAIFARLIAAV
;
_entity_poly.pdbx_strand_id   A,B,C
#
# COMPACT_ATOMS: atom_id res chain seq x y z
N LYS A 24 22.33 -7.36 15.89
CA LYS A 24 23.70 -7.04 16.28
C LYS A 24 24.62 -6.98 15.06
N LEU A 25 24.33 -7.82 14.07
CA LEU A 25 25.09 -7.87 12.82
C LEU A 25 24.99 -6.56 12.04
N GLN A 26 23.77 -6.03 11.93
CA GLN A 26 23.53 -4.82 11.15
C GLN A 26 24.28 -3.59 11.68
N GLU A 27 24.27 -3.37 12.99
CA GLU A 27 25.08 -2.29 13.57
C GLU A 27 26.48 -2.26 12.97
N GLN A 28 27.13 -3.43 12.90
CA GLN A 28 28.47 -3.56 12.33
C GLN A 28 28.53 -3.10 10.88
N HIS A 29 27.52 -3.44 10.08
CA HIS A 29 27.46 -3.03 8.68
C HIS A 29 27.46 -1.53 8.48
N TYR A 30 26.73 -0.83 9.34
CA TYR A 30 26.71 0.61 9.34
C TYR A 30 28.08 1.16 9.71
N HIS A 31 28.74 0.47 10.62
CA HIS A 31 30.02 0.95 11.12
C HIS A 31 31.13 0.70 10.12
N GLU A 32 30.99 -0.36 9.33
CA GLU A 32 31.98 -0.73 8.30
C GLU A 32 31.89 0.25 7.15
N ALA A 33 30.68 0.61 6.76
CA ALA A 33 30.47 1.62 5.74
C ALA A 33 31.01 2.98 6.18
N ALA A 34 30.61 3.44 7.37
CA ALA A 34 31.04 4.74 7.87
C ALA A 34 32.55 4.81 8.03
N SER A 35 33.15 3.76 8.58
CA SER A 35 34.60 3.69 8.74
CA SER A 35 34.61 3.71 8.75
C SER A 35 35.31 3.73 7.39
N PHE A 36 34.72 3.12 6.38
CA PHE A 36 35.29 3.17 5.04
C PHE A 36 35.22 4.60 4.48
N LEU A 37 34.07 5.25 4.69
CA LEU A 37 33.89 6.62 4.23
C LEU A 37 34.72 7.62 5.04
N SER A 38 34.88 7.38 6.34
CA SER A 38 35.60 8.29 7.23
CA SER A 38 35.60 8.29 7.23
C SER A 38 37.09 8.32 6.93
N SER A 39 37.62 7.23 6.37
CA SER A 39 39.05 7.17 6.02
C SER A 39 39.38 7.94 4.74
N ARG A 40 38.37 8.12 3.90
CA ARG A 40 38.48 8.88 2.63
C ARG A 40 37.98 10.34 2.66
N LEU A 41 37.06 10.67 3.56
CA LEU A 41 36.55 12.05 3.67
C LEU A 41 37.28 12.80 4.80
N PRO A 42 37.31 14.15 4.76
CA PRO A 42 38.05 14.88 5.81
C PRO A 42 37.24 15.06 7.10
N GLY A 43 35.96 14.74 7.04
CA GLY A 43 35.14 14.56 8.23
C GLY A 43 34.62 15.79 8.94
N ASP A 44 34.58 16.93 8.25
CA ASP A 44 33.99 18.13 8.85
C ASP A 44 32.67 18.56 8.22
N ALA A 45 32.19 17.84 7.20
CA ALA A 45 30.86 18.13 6.63
C ALA A 45 29.73 17.88 7.62
N LYS A 46 28.80 18.84 7.72
CA LYS A 46 27.66 18.71 8.65
C LYS A 46 26.38 18.50 7.88
N THR A 47 26.44 18.83 6.58
CA THR A 47 25.31 18.78 5.69
C THR A 47 25.62 17.80 4.59
N ALA A 48 24.66 16.93 4.32
CA ALA A 48 24.72 16.08 3.15
C ALA A 48 23.64 16.45 2.13
N ILE A 49 23.89 16.12 0.86
CA ILE A 49 22.94 16.44 -0.20
C ILE A 49 22.68 15.24 -1.10
N ILE A 50 21.41 14.92 -1.30
CA ILE A 50 21.03 13.92 -2.28
C ILE A 50 20.62 14.58 -3.57
N LEU A 51 21.33 14.21 -4.62
CA LEU A 51 21.08 14.69 -5.99
C LEU A 51 20.31 13.62 -6.78
N GLY A 52 19.08 13.93 -7.13
CA GLY A 52 18.21 12.98 -7.85
C GLY A 52 18.25 13.08 -9.37
N SER A 53 17.20 12.59 -10.03
CA SER A 53 17.19 12.48 -11.51
C SER A 53 17.51 13.80 -12.19
N GLY A 54 18.55 13.79 -13.02
CA GLY A 54 18.92 14.95 -13.84
C GLY A 54 19.59 16.04 -13.02
N LEU A 55 19.85 15.74 -11.76
CA LEU A 55 20.49 16.68 -10.84
C LEU A 55 21.90 16.28 -10.41
N GLY A 56 22.38 15.15 -10.94
CA GLY A 56 23.75 14.69 -10.72
C GLY A 56 24.80 15.71 -11.12
N GLU A 57 24.47 16.51 -12.13
CA GLU A 57 25.34 17.56 -12.68
C GLU A 57 25.75 18.55 -11.61
N LEU A 58 24.83 18.81 -10.67
CA LEU A 58 25.09 19.71 -9.53
CA LEU A 58 25.08 19.73 -9.54
C LEU A 58 26.39 19.38 -8.81
N ALA A 59 26.85 18.14 -8.95
CA ALA A 59 28.18 17.76 -8.49
C ALA A 59 29.28 18.71 -8.97
N GLU A 60 29.04 19.42 -10.07
CA GLU A 60 30.04 20.32 -10.66
C GLU A 60 30.30 21.54 -9.79
N LYS A 61 29.26 21.98 -9.08
CA LYS A 61 29.37 23.07 -8.11
C LYS A 61 30.39 22.75 -7.01
N ILE A 62 30.49 21.47 -6.64
CA ILE A 62 31.35 21.07 -5.52
C ILE A 62 32.83 21.07 -5.93
N GLU A 63 33.65 21.76 -5.13
CA GLU A 63 35.08 21.89 -5.38
C GLU A 63 35.88 20.96 -4.50
N ASN A 64 37.15 20.75 -4.83
CA ASN A 64 38.02 19.84 -4.08
C ASN A 64 37.35 18.49 -3.89
N LYS A 65 36.70 17.99 -4.94
CA LYS A 65 35.97 16.73 -4.85
C LYS A 65 36.83 15.50 -4.59
N THR A 66 36.36 14.68 -3.65
CA THR A 66 36.83 13.31 -3.51
C THR A 66 35.63 12.47 -3.89
N VAL A 67 35.80 11.64 -4.92
CA VAL A 67 34.71 10.86 -5.44
C VAL A 67 34.87 9.41 -4.99
N ILE A 68 33.79 8.86 -4.45
CA ILE A 68 33.85 7.49 -3.96
C ILE A 68 32.65 6.76 -4.53
N PRO A 69 32.88 5.95 -5.56
CA PRO A 69 31.78 5.27 -6.22
C PRO A 69 31.10 4.34 -5.24
N TYR A 70 29.77 4.22 -5.32
CA TYR A 70 29.03 3.35 -4.41
C TYR A 70 29.54 1.90 -4.40
N ASN A 71 30.03 1.41 -5.55
CA ASN A 71 30.48 0.03 -5.63
C ASN A 71 31.58 -0.31 -4.63
N GLU A 72 32.29 0.73 -4.19
CA GLU A 72 33.46 0.56 -3.34
C GLU A 72 33.10 0.50 -1.86
N ILE A 73 32.02 1.17 -1.49
CA ILE A 73 31.62 1.31 -0.08
C ILE A 73 30.92 0.03 0.38
N PRO A 74 31.41 -0.55 1.49
CA PRO A 74 30.77 -1.77 2.04
C PRO A 74 29.25 -1.63 2.20
N HIS A 75 28.49 -2.58 1.65
CA HIS A 75 27.02 -2.69 1.88
C HIS A 75 26.15 -1.65 1.17
N PHE A 76 26.75 -0.75 0.41
CA PHE A 76 25.95 0.16 -0.42
C PHE A 76 25.39 -0.64 -1.58
N ALA A 77 24.13 -0.39 -1.90
CA ALA A 77 23.52 -1.04 -3.06
C ALA A 77 24.11 -0.44 -4.33
N GLN A 78 23.76 -1.01 -5.48
CA GLN A 78 24.23 -0.45 -6.76
C GLN A 78 23.17 0.49 -7.33
N ALA A 79 23.57 1.72 -7.68
CA ALA A 79 22.68 2.62 -8.39
C ALA A 79 22.38 2.04 -9.78
N THR A 80 21.11 1.75 -10.03
CA THR A 80 20.71 1.15 -11.31
C THR A 80 19.73 2.04 -12.09
N ALA A 81 19.31 3.15 -11.50
CA ALA A 81 18.41 4.06 -12.20
C ALA A 81 19.19 4.94 -13.17
N VAL A 82 18.68 5.07 -14.39
CA VAL A 82 19.31 5.91 -15.40
C VAL A 82 19.29 7.35 -14.89
N GLY A 83 20.43 8.03 -15.05
CA GLY A 83 20.60 9.38 -14.52
C GLY A 83 21.06 9.39 -13.08
N HIS A 84 21.39 8.22 -12.54
CA HIS A 84 21.91 8.10 -11.17
C HIS A 84 23.25 7.37 -11.17
N LYS A 85 24.33 8.16 -11.12
CA LYS A 85 25.70 7.64 -11.24
C LYS A 85 26.09 6.74 -10.08
N GLY A 86 25.74 7.15 -8.86
CA GLY A 86 26.11 6.35 -7.68
C GLY A 86 27.52 6.62 -7.16
N ASN A 87 27.73 7.87 -6.74
CA ASN A 87 28.97 8.30 -6.10
C ASN A 87 28.72 9.14 -4.88
N ILE A 88 29.44 8.84 -3.81
CA ILE A 88 29.55 9.77 -2.70
C ILE A 88 30.63 10.80 -3.04
N ILE A 89 30.30 12.09 -2.99
CA ILE A 89 31.32 13.10 -3.29
C ILE A 89 31.50 14.01 -2.12
N GLY A 90 32.75 14.17 -1.70
CA GLY A 90 33.07 15.08 -0.63
C GLY A 90 33.73 16.30 -1.24
N GLY A 91 33.58 17.43 -0.56
CA GLY A 91 34.30 18.62 -0.94
C GLY A 91 33.60 19.84 -0.42
N ILE A 92 33.73 20.94 -1.15
CA ILE A 92 33.22 22.23 -0.69
C ILE A 92 32.15 22.74 -1.62
N LEU A 93 30.98 23.04 -1.07
CA LEU A 93 29.93 23.70 -1.83
C LEU A 93 29.41 24.86 -0.98
N GLY A 94 29.27 26.03 -1.60
CA GLY A 94 28.78 27.23 -0.94
C GLY A 94 29.79 27.71 0.08
N GLY A 95 31.06 27.44 -0.18
CA GLY A 95 32.12 27.71 0.77
C GLY A 95 32.16 26.73 1.94
N THR A 96 31.30 25.70 1.90
CA THR A 96 31.02 24.82 3.06
C THR A 96 31.31 23.34 2.78
N PRO A 97 31.95 22.63 3.74
CA PRO A 97 32.10 21.19 3.53
C PRO A 97 30.75 20.54 3.40
N VAL A 98 30.68 19.62 2.46
CA VAL A 98 29.48 18.89 2.19
C VAL A 98 29.84 17.47 1.81
N VAL A 99 28.85 16.60 1.85
CA VAL A 99 28.95 15.27 1.31
C VAL A 99 27.73 15.12 0.42
N ALA A 100 27.92 14.56 -0.76
CA ALA A 100 26.82 14.41 -1.68
C ALA A 100 26.67 12.98 -2.15
N GLN A 102 25.57 11.36 -5.13
CA GLN A 102 25.31 11.66 -6.53
C GLN A 102 24.55 10.51 -7.15
N GLY A 103 23.24 10.67 -7.16
CA GLY A 103 22.31 9.61 -7.44
C GLY A 103 21.78 8.96 -6.16
N ARG A 104 20.62 8.33 -6.24
CA ARG A 104 20.10 7.67 -5.07
C ARG A 104 19.53 6.32 -5.43
N PHE A 105 19.14 5.59 -4.39
CA PHE A 105 18.42 4.36 -4.58
C PHE A 105 16.93 4.56 -4.50
N HIS A 106 16.24 3.71 -5.26
CA HIS A 106 14.81 3.67 -5.21
C HIS A 106 14.25 2.30 -4.95
N TYR A 107 13.12 2.31 -4.25
CA TYR A 107 12.33 1.11 -4.00
C TYR A 107 11.97 0.39 -5.32
N TYR A 108 11.69 1.14 -6.39
CA TYR A 108 11.23 0.48 -7.64
C TYR A 108 12.39 -0.35 -8.23
N GLU A 109 13.63 -0.15 -7.77
CA GLU A 109 14.79 -0.94 -8.29
C GLU A 109 14.81 -2.39 -7.75
N GLY A 110 13.95 -2.63 -6.76
CA GLY A 110 13.89 -3.93 -6.04
C GLY A 110 14.74 -4.08 -4.81
N TYR A 111 15.35 -2.98 -4.37
CA TYR A 111 16.02 -2.94 -3.07
C TYR A 111 15.02 -2.89 -1.91
N SER A 112 15.35 -3.58 -0.82
CA SER A 112 14.62 -3.42 0.43
C SER A 112 14.77 -1.97 0.92
N ASP A 114 15.66 -1.16 3.77
CA ASP A 114 16.95 -1.13 4.47
C ASP A 114 18.07 -0.67 3.49
N GLN A 115 18.08 -1.26 2.30
CA GLN A 115 19.07 -0.94 1.25
C GLN A 115 18.90 0.50 0.79
N VAL A 116 17.69 0.88 0.44
CA VAL A 116 17.44 2.23 -0.09
C VAL A 116 17.98 3.28 0.88
N THR A 117 17.75 3.06 2.18
CA THR A 117 17.98 4.11 3.17
C THR A 117 19.24 3.96 3.99
N PHE A 118 19.98 2.88 3.74
CA PHE A 118 21.25 2.60 4.42
C PHE A 118 22.23 3.80 4.47
N PRO A 119 22.40 4.52 3.35
CA PRO A 119 23.37 5.64 3.37
C PRO A 119 23.00 6.74 4.35
N ILE A 120 21.70 6.91 4.61
CA ILE A 120 21.22 7.97 5.51
C ILE A 120 21.76 7.70 6.92
N ARG A 121 21.66 6.44 7.35
CA ARG A 121 22.27 6.03 8.62
C ARG A 121 23.76 6.16 8.64
N VAL A 122 24.39 5.79 7.52
CA VAL A 122 25.84 5.98 7.37
C VAL A 122 26.23 7.44 7.50
N LYS A 124 24.54 9.62 9.24
CA LYS A 124 24.41 9.96 10.66
C LYS A 124 25.70 9.59 11.41
N LEU A 125 26.24 8.41 11.13
CA LEU A 125 27.47 7.97 11.77
C LEU A 125 28.69 8.83 11.40
N LEU A 126 28.62 9.51 10.26
CA LEU A 126 29.68 10.44 9.84
C LEU A 126 29.63 11.79 10.57
N GLY A 127 28.53 12.06 11.26
CA GLY A 127 28.35 13.35 11.91
C GLY A 127 27.50 14.33 11.10
N ILE A 128 26.83 13.83 10.08
CA ILE A 128 25.87 14.64 9.34
C ILE A 128 24.68 14.98 10.23
N GLU A 129 24.35 16.28 10.23
CA GLU A 129 23.26 16.86 11.03
C GLU A 129 22.09 17.32 10.16
N ASN A 130 22.39 17.61 8.89
CA ASN A 130 21.46 18.24 7.95
C ASN A 130 21.45 17.48 6.63
N LEU A 131 20.26 17.13 6.15
CA LEU A 131 20.07 16.50 4.85
C LEU A 131 19.30 17.39 3.88
N PHE A 132 19.90 17.69 2.74
CA PHE A 132 19.15 18.37 1.68
C PHE A 132 18.77 17.38 0.59
N VAL A 133 17.48 17.13 0.46
CA VAL A 133 16.99 16.15 -0.48
C VAL A 133 16.47 16.82 -1.75
N SER A 134 16.92 16.36 -2.91
CA SER A 134 16.34 16.82 -4.15
C SER A 134 15.69 15.66 -4.86
N ASN A 135 14.83 15.98 -5.80
CA ASN A 135 14.24 15.00 -6.67
C ASN A 135 13.57 15.67 -7.83
N ALA A 136 13.16 14.84 -8.75
CA ALA A 136 12.34 15.19 -9.88
C ALA A 136 10.95 14.72 -9.51
N ALA A 137 9.93 15.49 -9.86
CA ALA A 137 8.56 15.14 -9.49
C ALA A 137 7.57 15.60 -10.54
N GLY A 138 6.45 14.88 -10.65
CA GLY A 138 5.34 15.31 -11.48
C GLY A 138 4.51 16.31 -10.72
N GLY A 139 4.04 17.36 -11.39
CA GLY A 139 3.16 18.32 -10.74
C GLY A 139 1.71 17.85 -10.72
N ILE A 140 1.06 17.97 -9.56
CA ILE A 140 -0.36 17.66 -9.41
C ILE A 140 -1.13 18.86 -8.87
N ASN A 141 -0.38 19.86 -8.38
CA ASN A 141 -0.94 21.19 -8.20
C ASN A 141 -1.00 21.87 -9.57
N THR A 142 -2.15 22.44 -9.90
CA THR A 142 -2.35 23.03 -11.24
C THR A 142 -1.57 24.34 -11.49
N SER A 143 -1.05 24.96 -10.43
CA SER A 143 -0.26 26.17 -10.59
CA SER A 143 -0.25 26.17 -10.53
C SER A 143 1.22 25.85 -10.75
N PHE A 144 1.56 24.57 -10.63
CA PHE A 144 2.95 24.13 -10.70
C PHE A 144 3.27 23.63 -12.10
N LYS A 145 4.20 24.34 -12.77
CA LYS A 145 4.53 24.11 -14.17
C LYS A 145 5.92 23.49 -14.34
N VAL A 146 6.16 22.84 -15.47
CA VAL A 146 7.49 22.32 -15.81
C VAL A 146 8.62 23.34 -15.59
N GLY A 147 9.60 22.96 -14.78
CA GLY A 147 10.74 23.80 -14.43
C GLY A 147 10.59 24.54 -13.12
N ASP A 148 9.41 24.48 -12.52
CA ASP A 148 9.20 25.07 -11.19
C ASP A 148 10.00 24.30 -10.11
N LEU A 149 10.53 25.06 -9.16
CA LEU A 149 11.16 24.48 -7.97
C LEU A 149 10.13 24.51 -6.86
N ILE A 151 9.56 23.79 -2.84
CA ILE A 151 10.02 23.43 -1.50
C ILE A 151 9.01 22.44 -0.98
N ILE A 152 9.50 21.29 -0.49
CA ILE A 152 8.63 20.31 0.14
C ILE A 152 8.39 20.72 1.57
N ASP A 154 5.71 19.21 3.35
CA ASP A 154 5.30 17.94 3.96
C ASP A 154 5.27 16.82 2.89
N HIS A 155 5.10 15.58 3.32
CA HIS A 155 4.90 14.49 2.37
C HIS A 155 3.77 13.56 2.77
N ILE A 156 3.33 12.75 1.81
CA ILE A 156 2.41 11.64 2.02
C ILE A 156 3.10 10.38 1.59
N ASN A 157 3.28 9.46 2.53
CA ASN A 157 3.97 8.22 2.21
C ASN A 157 3.06 7.19 1.59
N ASN A 158 3.38 6.79 0.35
CA ASN A 158 2.72 5.62 -0.19
C ASN A 158 3.70 4.52 -0.63
N LEU A 159 4.92 4.55 -0.09
CA LEU A 159 5.86 3.42 -0.19
C LEU A 159 5.85 2.65 1.13
N PRO A 160 6.39 1.41 1.14
CA PRO A 160 6.54 0.72 2.44
C PRO A 160 7.34 1.59 3.40
N ASN A 161 6.87 1.64 4.64
CA ASN A 161 7.60 2.35 5.68
C ASN A 161 8.93 1.70 5.89
N PRO A 162 10.03 2.49 5.76
CA PRO A 162 11.38 1.92 5.84
C PRO A 162 11.73 1.45 7.25
N LEU A 163 11.00 1.91 8.27
CA LEU A 163 11.30 1.49 9.65
C LEU A 163 10.66 0.16 10.08
N ILE A 164 9.92 -0.47 9.17
CA ILE A 164 9.29 -1.74 9.51
C ILE A 164 10.35 -2.80 9.85
N GLY A 165 10.13 -3.47 10.97
CA GLY A 165 11.04 -4.48 11.48
C GLY A 165 11.57 -4.02 12.81
N PRO A 166 12.45 -4.81 13.43
CA PRO A 166 13.06 -4.42 14.69
C PRO A 166 13.71 -3.05 14.58
N ASN A 167 13.42 -2.23 15.58
CA ASN A 167 14.02 -0.92 15.65
C ASN A 167 15.50 -1.00 15.92
N ASP A 169 17.94 0.68 17.80
CA ASP A 169 17.98 1.61 18.92
C ASP A 169 19.17 2.54 18.89
N PHE A 171 20.03 4.24 16.48
CA PHE A 171 19.68 5.37 15.61
C PHE A 171 18.51 6.21 16.08
N GLY A 172 17.53 5.58 16.72
CA GLY A 172 16.32 6.32 17.07
C GLY A 172 15.32 5.44 17.74
N VAL A 173 14.16 6.04 18.04
CA VAL A 173 13.13 5.38 18.83
C VAL A 173 12.18 4.59 17.98
N ARG A 174 11.48 3.67 18.63
CA ARG A 174 10.53 2.80 17.93
C ARG A 174 9.50 3.57 17.05
N PHE A 175 8.92 4.64 17.62
CA PHE A 175 7.81 5.41 17.01
C PHE A 175 8.17 6.88 16.83
N PRO A 176 8.95 7.19 15.80
CA PRO A 176 9.40 8.56 15.75
C PRO A 176 8.40 9.51 15.13
N ASP A 177 8.49 10.75 15.57
CA ASP A 177 7.51 11.79 15.24
C ASP A 177 7.77 12.38 13.86
N THR A 179 5.77 15.17 12.76
CA THR A 179 4.91 16.34 12.72
C THR A 179 5.50 17.49 11.92
N ARG A 180 6.82 17.62 11.97
CA ARG A 180 7.54 18.61 11.21
C ARG A 180 8.74 17.89 10.60
N ALA A 181 8.46 17.05 9.61
CA ALA A 181 9.55 16.30 8.96
C ALA A 181 10.46 17.24 8.22
N TYR A 182 9.88 18.29 7.64
CA TYR A 182 10.65 19.25 6.85
C TYR A 182 10.93 20.50 7.67
N ASP A 183 12.20 20.71 7.98
CA ASP A 183 12.59 21.68 9.01
C ASP A 183 12.09 23.10 8.66
N ARG A 184 11.39 23.73 9.61
CA ARG A 184 10.73 25.00 9.32
CA ARG A 184 10.72 25.01 9.37
C ARG A 184 11.68 26.17 9.14
N GLU A 185 12.76 26.17 9.91
CA GLU A 185 13.77 27.23 9.80
CA GLU A 185 13.76 27.22 9.81
C GLU A 185 14.47 27.11 8.44
N PHE A 186 14.79 25.88 8.04
CA PHE A 186 15.41 25.64 6.73
C PHE A 186 14.52 26.12 5.60
N ILE A 187 13.20 25.92 5.73
CA ILE A 187 12.26 26.42 4.75
C ILE A 187 12.26 27.94 4.71
N ALA A 188 12.22 28.60 5.87
CA ALA A 188 12.27 30.06 5.96
C ALA A 188 13.51 30.60 5.24
N LYS A 189 14.65 30.00 5.56
CA LYS A 189 15.92 30.38 4.95
C LYS A 189 15.91 30.19 3.43
N ALA A 190 15.38 29.05 2.98
CA ALA A 190 15.30 28.78 1.55
C ALA A 190 14.45 29.84 0.86
N LYS A 191 13.32 30.16 1.48
CA LYS A 191 12.43 31.22 1.02
C LYS A 191 13.12 32.57 0.82
N GLY A 192 13.88 33.00 1.83
CA GLY A 192 14.60 34.25 1.83
C GLY A 192 15.69 34.27 0.79
N ILE A 193 16.40 33.15 0.69
CA ILE A 193 17.44 32.96 -0.32
C ILE A 193 16.88 33.01 -1.74
N ALA A 194 15.77 32.32 -1.97
CA ALA A 194 15.17 32.29 -3.30
C ALA A 194 14.79 33.70 -3.74
N GLN A 195 14.29 34.46 -2.77
CA GLN A 195 13.87 35.85 -2.98
CA GLN A 195 13.87 35.83 -3.02
C GLN A 195 15.05 36.75 -3.37
N GLU A 196 16.16 36.60 -2.64
CA GLU A 196 17.43 37.32 -2.89
C GLU A 196 17.95 37.05 -4.29
N LEU A 197 18.00 35.77 -4.64
CA LEU A 197 18.47 35.30 -5.94
C LEU A 197 17.44 35.57 -7.06
N ASN A 198 16.28 36.11 -6.69
CA ASN A 198 15.18 36.35 -7.64
C ASN A 198 14.73 35.07 -8.37
N ILE A 199 14.68 33.98 -7.61
CA ILE A 199 14.20 32.71 -8.12
C ILE A 199 12.79 32.43 -7.59
N PRO A 200 11.80 32.31 -8.49
CA PRO A 200 10.46 31.92 -8.05
C PRO A 200 10.52 30.51 -7.47
N VAL A 201 9.92 30.31 -6.31
CA VAL A 201 9.79 28.96 -5.74
C VAL A 201 8.32 28.64 -5.52
N LYS A 202 8.04 27.36 -5.45
CA LYS A 202 6.73 26.89 -5.05
C LYS A 202 6.91 26.19 -3.71
N GLU A 203 5.79 25.84 -3.09
CA GLU A 203 5.76 25.21 -1.77
C GLU A 203 4.61 24.20 -1.77
N GLY A 204 4.84 23.02 -1.19
CA GLY A 204 3.80 22.00 -1.24
C GLY A 204 4.15 20.64 -0.68
N VAL A 205 3.23 19.70 -0.87
CA VAL A 205 3.28 18.38 -0.26
C VAL A 205 3.70 17.37 -1.32
N TYR A 206 4.77 16.62 -1.06
CA TYR A 206 5.26 15.66 -2.02
C TYR A 206 4.63 14.33 -1.69
N VAL A 207 4.06 13.69 -2.71
CA VAL A 207 3.51 12.36 -2.54
C VAL A 207 4.52 11.32 -3.05
N GLY A 208 4.95 10.44 -2.15
CA GLY A 208 5.90 9.37 -2.49
C GLY A 208 5.13 8.14 -2.91
N LEU A 209 5.39 7.68 -4.13
CA LEU A 209 4.79 6.45 -4.67
C LEU A 209 5.92 5.46 -5.00
N THR A 210 5.64 4.18 -5.20
CA THR A 210 6.75 3.27 -5.56
C THR A 210 7.23 3.44 -7.03
N GLY A 211 6.31 3.74 -7.92
CA GLY A 211 6.60 3.57 -9.36
C GLY A 211 6.82 2.08 -9.66
N PRO A 212 7.54 1.76 -10.75
CA PRO A 212 8.26 2.66 -11.67
C PRO A 212 7.42 3.25 -12.79
N SER A 213 6.23 2.71 -13.04
CA SER A 213 5.46 3.20 -14.16
C SER A 213 4.88 4.53 -13.71
N TYR A 214 4.74 5.47 -14.65
CA TYR A 214 4.14 6.76 -14.34
C TYR A 214 2.66 6.66 -14.00
N GLU A 215 2.13 7.65 -13.28
CA GLU A 215 0.75 7.55 -12.77
C GLU A 215 -0.28 7.69 -13.88
N THR A 216 -1.42 7.04 -13.70
CA THR A 216 -2.57 7.27 -14.57
C THR A 216 -3.25 8.61 -14.22
N PRO A 217 -3.98 9.23 -15.16
CA PRO A 217 -4.71 10.46 -14.84
C PRO A 217 -5.59 10.35 -13.60
N ALA A 218 -6.33 9.23 -13.48
CA ALA A 218 -7.07 8.92 -12.25
C ALA A 218 -6.22 8.98 -10.98
N GLU A 219 -5.00 8.45 -11.02
CA GLU A 219 -4.13 8.50 -9.85
C GLU A 219 -3.59 9.91 -9.58
N TYR A 220 -3.28 10.65 -10.63
CA TYR A 220 -2.83 12.01 -10.43
C TYR A 220 -3.96 12.78 -9.77
N LYS A 221 -5.19 12.50 -10.21
CA LYS A 221 -6.38 13.22 -9.71
C LYS A 221 -6.66 12.90 -8.24
N PHE A 222 -6.45 11.64 -7.86
CA PHE A 222 -6.66 11.16 -6.49
C PHE A 222 -5.72 11.90 -5.54
N TRP A 223 -4.44 11.89 -5.87
CA TRP A 223 -3.43 12.50 -5.01
C TRP A 223 -3.57 14.01 -4.97
N GLY A 224 -3.92 14.59 -6.10
CA GLY A 224 -4.28 16.02 -6.14
C GLY A 224 -5.42 16.34 -5.17
N GLN A 225 -6.53 15.61 -5.28
CA GLN A 225 -7.72 15.79 -4.45
C GLN A 225 -7.44 15.72 -2.94
N VAL A 226 -6.59 14.77 -2.55
CA VAL A 226 -6.30 14.48 -1.13
C VAL A 226 -5.14 15.32 -0.58
N GLY A 227 -4.78 16.37 -1.30
CA GLY A 227 -3.79 17.32 -0.79
C GLY A 227 -2.33 17.20 -1.26
N GLY A 228 -2.04 16.30 -2.19
CA GLY A 228 -0.69 16.24 -2.80
C GLY A 228 -0.49 17.34 -3.84
N ASP A 229 0.72 17.91 -3.89
CA ASP A 229 1.05 18.96 -4.88
C ASP A 229 2.03 18.46 -5.95
N ALA A 230 2.79 17.42 -5.61
CA ALA A 230 3.72 16.81 -6.53
C ALA A 230 3.90 15.35 -6.16
N ILE A 231 4.30 14.52 -7.12
CA ILE A 231 4.44 13.08 -6.90
C ILE A 231 5.76 12.61 -7.42
N GLY A 232 6.38 11.69 -6.70
CA GLY A 232 7.60 11.06 -7.18
C GLY A 232 7.75 9.68 -6.55
N SER A 234 10.68 8.61 -4.79
CA SER A 234 11.77 8.66 -3.86
C SER A 234 11.51 9.48 -2.61
N THR A 235 12.58 9.74 -1.89
CA THR A 235 12.68 10.85 -0.94
C THR A 235 11.96 10.58 0.45
N VAL A 236 10.76 10.07 0.36
CA VAL A 236 9.96 9.82 1.53
C VAL A 236 10.62 8.78 2.48
N PRO A 237 11.15 7.69 1.92
CA PRO A 237 11.90 6.76 2.81
C PRO A 237 13.09 7.44 3.47
N GLU A 238 13.93 8.12 2.69
CA GLU A 238 15.11 8.79 3.26
C GLU A 238 14.75 9.79 4.35
N VAL A 239 13.71 10.58 4.14
CA VAL A 239 13.30 11.54 5.16
C VAL A 239 12.85 10.85 6.47
N ILE A 240 12.00 9.82 6.37
CA ILE A 240 11.51 9.10 7.56
C ILE A 240 12.73 8.59 8.32
N VAL A 241 13.63 7.93 7.58
CA VAL A 241 14.88 7.42 8.14
C VAL A 241 15.78 8.52 8.74
N ALA A 242 15.84 9.68 8.07
CA ALA A 242 16.63 10.79 8.58
C ALA A 242 16.03 11.35 9.84
N ARG A 243 14.72 11.57 9.82
CA ARG A 243 13.99 12.09 10.99
C ARG A 243 14.15 11.18 12.21
N HIS A 244 14.03 9.87 12.00
CA HIS A 244 14.22 8.81 13.00
C HIS A 244 15.53 9.06 13.78
N THR A 245 16.58 9.41 13.06
CA THR A 245 17.87 9.69 13.72
C THR A 245 18.22 11.18 13.88
N GLY A 246 17.21 12.05 13.92
CA GLY A 246 17.44 13.43 14.35
C GLY A 246 18.04 14.38 13.32
N ILE A 247 18.12 13.93 12.07
CA ILE A 247 18.66 14.74 10.99
C ILE A 247 17.61 15.72 10.52
N ARG A 248 18.00 16.98 10.51
CA ARG A 248 17.14 18.06 10.03
C ARG A 248 17.11 18.02 8.51
N VAL A 249 15.91 18.08 7.96
CA VAL A 249 15.73 17.83 6.54
C VAL A 249 15.21 19.06 5.80
N PHE A 250 15.85 19.34 4.66
CA PHE A 250 15.29 20.27 3.66
C PHE A 250 15.04 19.53 2.37
N GLY A 251 13.87 19.74 1.80
CA GLY A 251 13.47 19.06 0.57
C GLY A 251 13.12 20.02 -0.56
N SER A 253 11.73 19.76 -4.79
CA SER A 253 11.45 19.10 -6.06
C SER A 253 11.67 20.04 -7.25
N VAL A 254 12.09 19.48 -8.39
CA VAL A 254 11.95 20.19 -9.66
C VAL A 254 10.76 19.52 -10.30
N ILE A 255 9.81 20.32 -10.76
CA ILE A 255 8.61 19.80 -11.40
C ILE A 255 9.02 19.50 -12.85
N THR A 256 9.06 18.23 -13.22
CA THR A 256 9.62 17.88 -14.51
C THR A 256 8.55 17.49 -15.50
N ASN A 257 7.32 17.51 -15.03
CA ASN A 257 6.18 17.20 -15.85
C ASN A 257 4.91 17.63 -15.14
N GLU A 258 3.82 17.68 -15.91
CA GLU A 258 2.52 18.07 -15.38
C GLU A 258 1.53 16.93 -15.47
N GLY A 259 1.26 16.31 -14.32
CA GLY A 259 0.24 15.27 -14.20
C GLY A 259 -1.16 15.85 -14.23
N TYR A 260 -1.41 16.74 -15.17
CA TYR A 260 -2.74 17.29 -15.36
C TYR A 260 -2.88 17.84 -16.78
N HIS A 261 -4.11 18.15 -17.17
CA HIS A 261 -4.45 18.73 -18.47
C HIS A 261 -3.76 17.98 -19.62
N PHE A 262 -3.87 16.66 -19.62
CA PHE A 262 -3.13 15.85 -20.59
C PHE A 262 -3.59 16.08 -22.02
N ALA A 263 -2.61 16.30 -22.90
CA ALA A 263 -2.83 16.33 -24.35
C ALA A 263 -3.24 14.93 -24.79
N ASP A 264 -3.95 14.87 -25.92
CA ASP A 264 -4.43 13.61 -26.50
C ASP A 264 -3.34 12.56 -26.74
N ASP A 265 -2.12 13.01 -27.01
CA ASP A 265 -1.00 12.14 -27.40
C ASP A 265 0.21 12.35 -26.50
N PHE A 266 -0.02 13.01 -25.36
CA PHE A 266 1.03 13.19 -24.37
C PHE A 266 1.44 11.85 -23.79
N VAL A 267 2.75 11.69 -23.61
CA VAL A 267 3.31 10.63 -22.78
C VAL A 267 4.36 11.22 -21.85
N ASN A 268 4.51 10.60 -20.68
CA ASN A 268 5.65 10.85 -19.82
C ASN A 268 6.81 10.08 -20.41
N ASP A 269 8.03 10.53 -20.12
CA ASP A 269 9.24 9.98 -20.72
C ASP A 269 10.41 10.25 -19.80
N GLU A 270 11.14 9.18 -19.45
CA GLU A 270 12.32 9.24 -18.57
C GLU A 270 13.31 10.33 -18.99
N GLN A 271 13.57 10.39 -20.29
CA GLN A 271 14.53 11.36 -20.83
C GLN A 271 13.99 12.80 -20.82
N ASP A 272 12.69 12.96 -21.02
CA ASP A 272 12.02 14.27 -20.86
C ASP A 272 12.16 14.81 -19.45
N VAL A 273 11.92 13.94 -18.47
CA VAL A 273 12.06 14.28 -17.06
C VAL A 273 13.49 14.68 -16.75
N ILE A 274 14.46 13.92 -17.27
CA ILE A 274 15.86 14.22 -17.01
C ILE A 274 16.23 15.56 -17.65
N ARG A 275 15.64 15.85 -18.81
CA ARG A 275 15.83 17.12 -19.51
C ARG A 275 15.40 18.29 -18.65
N ALA A 276 14.15 18.26 -18.18
CA ALA A 276 13.60 19.31 -17.33
C ALA A 276 14.39 19.56 -16.05
N ALA A 277 14.77 18.49 -15.33
CA ALA A 277 15.62 18.63 -14.14
C ALA A 277 16.95 19.29 -14.44
N ASN A 278 17.63 18.80 -15.49
CA ASN A 278 18.80 19.50 -16.07
C ASN A 278 18.57 21.00 -16.17
N ALA A 279 17.54 21.39 -16.92
CA ALA A 279 17.25 22.80 -17.17
C ALA A 279 17.18 23.59 -15.88
N ALA A 280 16.84 22.91 -14.79
CA ALA A 280 16.56 23.56 -13.51
C ALA A 280 17.67 23.38 -12.47
N SER A 281 18.69 22.58 -12.81
CA SER A 281 19.86 22.32 -11.94
C SER A 281 20.42 23.62 -11.39
N GLU A 282 20.82 24.50 -12.31
CA GLU A 282 21.54 25.72 -12.01
C GLU A 282 20.86 26.55 -10.92
N LYS A 283 19.53 26.69 -10.99
CA LYS A 283 18.78 27.46 -9.99
CA LYS A 283 18.76 27.45 -10.00
C LYS A 283 18.68 26.74 -8.64
N GLY A 285 20.78 24.44 -7.50
CA GLY A 285 22.13 24.51 -6.97
C GLY A 285 22.50 25.86 -6.40
N ALA A 286 21.98 26.93 -7.00
CA ALA A 286 22.25 28.27 -6.49
C ALA A 286 21.56 28.50 -5.12
N ILE A 287 20.43 27.84 -4.91
CA ILE A 287 19.73 27.89 -3.63
C ILE A 287 20.47 27.01 -2.61
N PHE A 288 20.71 25.76 -2.98
CA PHE A 288 21.48 24.82 -2.14
C PHE A 288 22.80 25.38 -1.63
N ALA A 289 23.51 26.09 -2.52
CA ALA A 289 24.82 26.68 -2.22
C ALA A 289 24.74 27.77 -1.18
N ARG A 290 23.72 28.62 -1.29
CA ARG A 290 23.42 29.62 -0.27
C ARG A 290 22.88 28.98 1.02
N LEU A 291 21.98 28.00 0.88
CA LEU A 291 21.37 27.38 2.05
C LEU A 291 22.38 26.67 2.95
N ILE A 292 23.27 25.86 2.36
CA ILE A 292 24.29 25.13 3.13
C ILE A 292 25.18 26.04 3.98
N ALA A 293 25.42 27.26 3.51
CA ALA A 293 26.27 28.18 4.25
C ALA A 293 25.48 28.93 5.33
N ALA A 294 24.15 28.80 5.32
CA ALA A 294 23.27 29.53 6.25
C ALA A 294 22.76 28.70 7.43
N VAL A 295 22.98 27.38 7.38
CA VAL A 295 22.52 26.48 8.44
C VAL A 295 23.49 26.45 9.64
N LYS B 24 18.97 -12.86 -17.37
CA LYS B 24 18.80 -13.70 -18.56
C LYS B 24 18.08 -15.01 -18.22
N LEU B 25 18.15 -15.39 -16.94
CA LEU B 25 17.35 -16.49 -16.40
C LEU B 25 15.85 -16.23 -16.59
N GLN B 26 15.40 -15.02 -16.26
CA GLN B 26 13.99 -14.66 -16.52
C GLN B 26 13.66 -14.61 -18.02
N GLU B 27 14.58 -14.13 -18.85
CA GLU B 27 14.40 -14.14 -20.32
C GLU B 27 14.25 -15.57 -20.84
N GLN B 28 15.15 -16.44 -20.38
CA GLN B 28 15.07 -17.88 -20.59
C GLN B 28 13.68 -18.43 -20.26
N HIS B 29 13.12 -18.01 -19.12
CA HIS B 29 11.81 -18.46 -18.67
C HIS B 29 10.69 -18.07 -19.62
N TYR B 30 10.68 -16.79 -20.03
CA TYR B 30 9.68 -16.29 -20.97
C TYR B 30 9.72 -17.03 -22.29
N HIS B 31 10.92 -17.15 -22.83
CA HIS B 31 11.11 -17.81 -24.13
C HIS B 31 10.68 -19.29 -24.06
N GLU B 32 11.06 -19.99 -23.00
CA GLU B 32 10.59 -21.37 -22.84
C GLU B 32 9.06 -21.49 -22.87
N ALA B 33 8.38 -20.61 -22.13
CA ALA B 33 6.93 -20.63 -22.14
C ALA B 33 6.39 -20.25 -23.53
N ALA B 34 7.05 -19.28 -24.17
CA ALA B 34 6.59 -18.84 -25.48
C ALA B 34 6.83 -19.96 -26.50
N SER B 35 8.01 -20.57 -26.46
CA SER B 35 8.35 -21.68 -27.37
CA SER B 35 8.33 -21.65 -27.40
C SER B 35 7.32 -22.80 -27.25
N PHE B 36 6.93 -23.11 -26.02
CA PHE B 36 5.97 -24.21 -25.76
C PHE B 36 4.61 -23.88 -26.37
N LEU B 37 4.08 -22.72 -26.00
CA LEU B 37 2.80 -22.29 -26.53
C LEU B 37 2.79 -22.22 -28.05
N SER B 38 3.82 -21.59 -28.63
CA SER B 38 3.91 -21.44 -30.09
CA SER B 38 3.90 -21.43 -30.09
C SER B 38 3.92 -22.78 -30.82
N SER B 39 4.41 -23.82 -30.14
CA SER B 39 4.43 -25.15 -30.73
C SER B 39 3.04 -25.78 -30.77
N ARG B 40 2.09 -25.20 -30.03
CA ARG B 40 0.74 -25.76 -29.92
C ARG B 40 -0.31 -24.87 -30.55
N LEU B 41 -0.01 -23.58 -30.63
CA LEU B 41 -0.94 -22.60 -31.16
C LEU B 41 -0.79 -22.39 -32.69
N PRO B 42 -1.87 -21.96 -33.36
CA PRO B 42 -1.81 -21.63 -34.79
C PRO B 42 -0.72 -20.59 -35.04
N GLY B 43 -0.80 -19.47 -34.32
CA GLY B 43 0.25 -18.46 -34.34
C GLY B 43 -0.19 -17.12 -34.92
N ASP B 44 -1.33 -17.10 -35.59
CA ASP B 44 -1.83 -15.91 -36.26
C ASP B 44 -2.58 -14.92 -35.37
N ALA B 45 -2.76 -15.28 -34.10
CA ALA B 45 -3.53 -14.40 -33.20
C ALA B 45 -2.76 -13.12 -32.95
N LYS B 46 -3.44 -11.98 -33.03
CA LYS B 46 -2.88 -10.69 -32.66
C LYS B 46 -3.55 -10.14 -31.39
N THR B 47 -4.65 -10.76 -30.98
CA THR B 47 -5.42 -10.36 -29.82
C THR B 47 -5.54 -11.48 -28.78
N ALA B 48 -5.24 -11.15 -27.53
CA ALA B 48 -5.45 -12.05 -26.41
C ALA B 48 -6.62 -11.57 -25.55
N ILE B 49 -7.32 -12.49 -24.89
CA ILE B 49 -8.43 -12.08 -24.02
C ILE B 49 -8.22 -12.75 -22.69
N ILE B 50 -8.56 -12.07 -21.59
CA ILE B 50 -8.46 -12.64 -20.27
C ILE B 50 -9.88 -12.74 -19.75
N LEU B 51 -10.28 -13.95 -19.38
CA LEU B 51 -11.62 -14.18 -18.88
C LEU B 51 -11.59 -14.24 -17.37
N GLY B 52 -12.30 -13.34 -16.72
CA GLY B 52 -12.27 -13.18 -15.29
C GLY B 52 -13.28 -14.04 -14.56
N SER B 53 -13.67 -13.62 -13.37
CA SER B 53 -14.56 -14.48 -12.58
C SER B 53 -15.91 -14.82 -13.23
N GLY B 54 -16.56 -13.86 -13.83
CA GLY B 54 -17.84 -14.14 -14.49
C GLY B 54 -17.85 -15.23 -15.57
N LEU B 55 -16.69 -15.44 -16.18
CA LEU B 55 -16.57 -15.31 -17.57
C LEU B 55 -15.89 -16.41 -18.34
N GLY B 56 -15.53 -17.47 -17.63
CA GLY B 56 -14.96 -18.64 -18.27
C GLY B 56 -15.84 -19.23 -19.38
N GLU B 57 -17.14 -18.96 -19.30
CA GLU B 57 -18.15 -19.40 -20.28
C GLU B 57 -17.87 -18.87 -21.69
N LEU B 58 -17.24 -17.70 -21.78
CA LEU B 58 -16.93 -17.08 -23.05
C LEU B 58 -16.05 -18.01 -23.91
N ALA B 59 -15.34 -18.93 -23.25
CA ALA B 59 -14.52 -19.93 -23.94
C ALA B 59 -15.32 -20.91 -24.81
N GLU B 60 -16.64 -20.99 -24.58
CA GLU B 60 -17.52 -21.82 -25.39
C GLU B 60 -17.80 -21.18 -26.74
N LYS B 61 -17.61 -19.87 -26.81
CA LYS B 61 -17.86 -19.10 -28.02
C LYS B 61 -16.65 -19.16 -28.97
N ILE B 62 -15.56 -19.73 -28.49
CA ILE B 62 -14.36 -19.92 -29.32
C ILE B 62 -14.46 -21.24 -30.11
N GLU B 63 -14.44 -21.13 -31.44
CA GLU B 63 -14.50 -22.29 -32.31
C GLU B 63 -13.10 -22.84 -32.53
N ASN B 64 -13.03 -24.11 -32.92
CA ASN B 64 -11.77 -24.78 -33.26
C ASN B 64 -10.74 -24.61 -32.15
N LYS B 65 -11.16 -24.90 -30.91
CA LYS B 65 -10.33 -24.63 -29.74
C LYS B 65 -9.10 -25.52 -29.64
N THR B 66 -8.01 -24.92 -29.15
CA THR B 66 -6.86 -25.68 -28.69
C THR B 66 -6.59 -25.33 -27.26
N VAL B 67 -6.79 -26.32 -26.39
CA VAL B 67 -6.81 -26.10 -24.96
C VAL B 67 -5.48 -26.54 -24.37
N ILE B 68 -4.83 -25.59 -23.69
CA ILE B 68 -3.54 -25.83 -23.06
C ILE B 68 -3.63 -25.53 -21.56
N PRO B 69 -3.78 -26.57 -20.72
CA PRO B 69 -3.76 -26.37 -19.28
C PRO B 69 -2.54 -25.54 -18.88
N TYR B 70 -2.74 -24.61 -17.96
CA TYR B 70 -1.62 -23.83 -17.41
C TYR B 70 -0.57 -24.71 -16.75
N ASN B 71 -0.98 -25.83 -16.17
CA ASN B 71 0.01 -26.65 -15.47
C ASN B 71 0.90 -27.45 -16.42
N GLU B 72 0.68 -27.28 -17.72
CA GLU B 72 1.54 -27.89 -18.74
C GLU B 72 2.57 -26.91 -19.30
N ILE B 73 2.32 -25.61 -19.11
CA ILE B 73 3.18 -24.57 -19.71
C ILE B 73 4.33 -24.21 -18.78
N PRO B 74 5.58 -24.24 -19.29
CA PRO B 74 6.73 -23.88 -18.45
C PRO B 74 6.54 -22.57 -17.69
N HIS B 75 6.76 -22.62 -16.37
CA HIS B 75 6.73 -21.44 -15.48
C HIS B 75 5.35 -20.79 -15.27
N PHE B 76 4.32 -21.25 -15.92
CA PHE B 76 3.03 -20.78 -15.56
C PHE B 76 2.64 -21.24 -14.13
N ALA B 77 2.13 -20.28 -13.39
CA ALA B 77 1.59 -20.52 -12.09
C ALA B 77 0.32 -21.28 -12.31
N GLN B 78 -0.25 -21.72 -11.20
CA GLN B 78 -1.47 -22.50 -11.12
C GLN B 78 -2.65 -21.64 -10.58
N ALA B 79 -3.79 -21.76 -11.25
CA ALA B 79 -4.95 -20.93 -11.00
C ALA B 79 -5.70 -21.55 -9.87
N THR B 80 -5.51 -20.96 -8.71
CA THR B 80 -6.11 -21.52 -7.53
C THR B 80 -7.40 -20.89 -7.19
N ALA B 81 -7.71 -19.75 -7.79
CA ALA B 81 -8.92 -18.98 -7.49
C ALA B 81 -10.18 -19.75 -7.93
N VAL B 82 -11.20 -19.77 -7.07
CA VAL B 82 -12.43 -20.50 -7.41
C VAL B 82 -13.09 -19.72 -8.53
N GLY B 83 -13.63 -20.46 -9.51
CA GLY B 83 -14.18 -19.82 -10.71
C GLY B 83 -13.13 -19.35 -11.70
N HIS B 84 -11.95 -19.97 -11.66
CA HIS B 84 -10.88 -19.74 -12.63
C HIS B 84 -10.26 -21.07 -13.02
N LYS B 85 -10.51 -21.49 -14.26
CA LYS B 85 -10.14 -22.83 -14.73
C LYS B 85 -8.64 -23.03 -14.99
N GLY B 86 -8.02 -22.09 -15.70
CA GLY B 86 -6.58 -22.17 -15.93
C GLY B 86 -6.14 -22.83 -17.21
N ASN B 87 -6.61 -22.30 -18.33
CA ASN B 87 -6.22 -22.85 -19.62
C ASN B 87 -5.91 -21.73 -20.56
N ILE B 88 -4.92 -21.92 -21.42
CA ILE B 88 -4.81 -21.06 -22.62
C ILE B 88 -5.72 -21.71 -23.66
N ILE B 89 -6.43 -20.89 -24.43
CA ILE B 89 -7.35 -21.41 -25.44
C ILE B 89 -7.15 -20.63 -26.72
N GLY B 90 -6.50 -21.23 -27.72
CA GLY B 90 -6.42 -20.62 -29.04
C GLY B 90 -7.59 -21.09 -29.85
N GLY B 91 -8.05 -20.24 -30.75
CA GLY B 91 -9.13 -20.66 -31.59
C GLY B 91 -9.57 -19.43 -32.35
N ILE B 92 -10.80 -19.46 -32.83
CA ILE B 92 -11.37 -18.34 -33.57
C ILE B 92 -12.52 -17.74 -32.76
N LEU B 93 -12.44 -16.43 -32.56
CA LEU B 93 -13.53 -15.68 -31.98
C LEU B 93 -13.99 -14.60 -32.95
N GLY B 94 -15.28 -14.58 -33.25
CA GLY B 94 -15.86 -13.66 -34.24
C GLY B 94 -15.01 -13.60 -35.50
N GLY B 95 -14.76 -14.77 -36.09
CA GLY B 95 -13.98 -14.94 -37.30
C GLY B 95 -12.54 -14.50 -37.23
N THR B 96 -12.05 -14.28 -36.02
CA THR B 96 -10.74 -13.71 -35.83
C THR B 96 -9.93 -14.60 -34.90
N PRO B 97 -8.66 -14.90 -35.25
CA PRO B 97 -7.84 -15.73 -34.37
C PRO B 97 -7.63 -15.10 -33.02
N VAL B 98 -7.66 -15.92 -31.96
CA VAL B 98 -7.57 -15.41 -30.60
C VAL B 98 -6.72 -16.35 -29.73
N VAL B 99 -6.03 -15.78 -28.73
CA VAL B 99 -5.53 -16.59 -27.60
C VAL B 99 -6.24 -16.10 -26.36
N ALA B 100 -6.97 -16.99 -25.69
CA ALA B 100 -7.64 -16.65 -24.44
C ALA B 100 -6.93 -17.20 -23.20
N GLN B 102 -8.29 -18.55 -20.03
CA GLN B 102 -9.49 -18.96 -19.31
C GLN B 102 -9.16 -19.08 -17.83
N GLY B 103 -9.49 -18.03 -17.09
CA GLY B 103 -9.02 -17.91 -15.73
C GLY B 103 -7.69 -17.19 -15.65
N ARG B 104 -7.43 -16.60 -14.50
CA ARG B 104 -6.25 -15.79 -14.29
C ARG B 104 -5.67 -15.93 -12.89
N PHE B 105 -4.53 -15.26 -12.71
CA PHE B 105 -3.82 -15.26 -11.46
C PHE B 105 -4.08 -13.94 -10.76
N HIS B 106 -4.15 -13.97 -9.43
CA HIS B 106 -4.42 -12.77 -8.66
C HIS B 106 -3.37 -12.65 -7.59
N TYR B 107 -3.05 -11.43 -7.17
CA TYR B 107 -2.08 -11.30 -6.10
C TYR B 107 -2.57 -11.98 -4.82
N TYR B 108 -3.88 -11.96 -4.56
CA TYR B 108 -4.43 -12.49 -3.26
C TYR B 108 -4.10 -13.97 -3.09
N GLU B 109 -3.66 -14.63 -4.17
CA GLU B 109 -3.34 -16.07 -4.18
C GLU B 109 -2.03 -16.44 -3.50
N GLY B 110 -1.21 -15.43 -3.31
CA GLY B 110 0.15 -15.53 -2.81
C GLY B 110 1.31 -15.54 -3.82
N TYR B 111 0.96 -15.43 -5.07
CA TYR B 111 1.93 -15.27 -6.16
C TYR B 111 2.62 -13.95 -6.18
N SER B 112 3.84 -13.92 -6.68
CA SER B 112 4.53 -12.69 -6.89
C SER B 112 3.85 -11.96 -8.09
N ASP B 114 5.45 -10.87 -10.55
CA ASP B 114 6.11 -11.53 -11.68
C ASP B 114 5.31 -12.74 -12.19
N GLN B 115 4.82 -13.57 -11.26
CA GLN B 115 4.05 -14.75 -11.60
C GLN B 115 2.67 -14.41 -12.04
N VAL B 116 2.07 -13.42 -11.38
CA VAL B 116 0.75 -12.98 -11.73
C VAL B 116 0.68 -12.49 -13.19
N THR B 117 1.74 -11.79 -13.61
CA THR B 117 1.80 -11.08 -14.91
C THR B 117 2.69 -11.77 -15.98
N PHE B 118 3.30 -12.89 -15.61
CA PHE B 118 4.12 -13.68 -16.54
C PHE B 118 3.38 -13.95 -17.87
N PRO B 119 2.10 -14.41 -17.83
CA PRO B 119 1.43 -14.70 -19.12
C PRO B 119 1.36 -13.53 -20.06
N ILE B 120 1.35 -12.31 -19.52
CA ILE B 120 1.22 -11.12 -20.37
C ILE B 120 2.44 -11.00 -21.25
N ARG B 121 3.61 -11.14 -20.65
CA ARG B 121 4.88 -11.15 -21.40
C ARG B 121 5.05 -12.30 -22.38
N VAL B 122 4.57 -13.50 -22.01
CA VAL B 122 4.53 -14.62 -22.97
C VAL B 122 3.69 -14.29 -24.22
N LYS B 124 3.19 -11.36 -25.45
CA LYS B 124 3.97 -10.45 -26.27
C LYS B 124 4.92 -11.17 -27.22
N LEU B 125 5.61 -12.19 -26.71
CA LEU B 125 6.58 -12.95 -27.48
C LEU B 125 5.88 -13.82 -28.52
N LEU B 126 4.60 -14.12 -28.29
CA LEU B 126 3.80 -14.86 -29.27
C LEU B 126 3.26 -13.93 -30.39
N GLY B 127 3.51 -12.63 -30.27
CA GLY B 127 3.03 -11.63 -31.26
C GLY B 127 1.68 -10.98 -31.00
N ILE B 128 1.17 -11.12 -29.78
CA ILE B 128 -0.08 -10.47 -29.38
C ILE B 128 0.14 -8.98 -29.29
N GLU B 129 -0.73 -8.26 -29.99
CA GLU B 129 -0.65 -6.81 -30.09
C GLU B 129 -1.70 -6.12 -29.21
N ASN B 130 -2.80 -6.83 -28.97
CA ASN B 130 -3.97 -6.31 -28.23
C ASN B 130 -4.39 -7.27 -27.13
N LEU B 131 -5.00 -6.75 -26.07
CA LEU B 131 -5.34 -7.55 -24.90
C LEU B 131 -6.62 -6.97 -24.35
N PHE B 132 -7.68 -7.77 -24.42
CA PHE B 132 -8.96 -7.45 -23.85
C PHE B 132 -8.99 -8.10 -22.49
N VAL B 133 -9.11 -7.28 -21.46
CA VAL B 133 -9.24 -7.74 -20.08
C VAL B 133 -10.67 -7.58 -19.65
N SER B 134 -11.18 -8.62 -19.00
CA SER B 134 -12.50 -8.60 -18.42
C SER B 134 -12.33 -9.01 -16.97
N ASN B 135 -13.21 -8.48 -16.14
CA ASN B 135 -13.22 -8.90 -14.75
C ASN B 135 -14.62 -8.74 -14.11
N ALA B 136 -14.75 -9.32 -12.93
CA ALA B 136 -15.88 -9.07 -12.05
C ALA B 136 -15.50 -7.94 -11.10
N ALA B 137 -16.44 -7.03 -10.81
CA ALA B 137 -16.12 -5.83 -10.03
C ALA B 137 -17.31 -5.37 -9.22
N GLY B 138 -17.02 -4.78 -8.06
CA GLY B 138 -18.04 -4.17 -7.22
C GLY B 138 -18.30 -2.77 -7.71
N GLY B 139 -19.56 -2.36 -7.77
CA GLY B 139 -19.86 -1.00 -8.23
C GLY B 139 -19.81 -0.07 -7.04
N ILE B 140 -19.05 1.03 -7.13
CA ILE B 140 -18.95 2.00 -6.02
C ILE B 140 -19.63 3.33 -6.34
N ASN B 141 -19.81 3.59 -7.63
CA ASN B 141 -20.64 4.72 -8.04
C ASN B 141 -22.08 4.24 -8.09
N THR B 142 -22.97 5.04 -7.50
CA THR B 142 -24.35 4.59 -7.24
C THR B 142 -25.19 4.34 -8.51
N SER B 143 -24.71 4.81 -9.66
CA SER B 143 -25.40 4.58 -10.93
CA SER B 143 -25.38 4.58 -10.95
C SER B 143 -25.02 3.23 -11.57
N PHE B 144 -24.05 2.54 -10.96
CA PHE B 144 -23.60 1.23 -11.41
C PHE B 144 -24.33 0.13 -10.65
N LYS B 145 -25.16 -0.61 -11.37
CA LYS B 145 -26.07 -1.60 -10.82
C LYS B 145 -25.59 -3.02 -11.14
N VAL B 146 -25.99 -4.01 -10.35
CA VAL B 146 -25.62 -5.40 -10.65
C VAL B 146 -26.12 -5.73 -12.06
N GLY B 147 -25.22 -6.27 -12.89
CA GLY B 147 -25.55 -6.64 -14.27
C GLY B 147 -25.01 -5.69 -15.32
N ASP B 148 -24.54 -4.52 -14.89
CA ASP B 148 -24.03 -3.46 -15.78
C ASP B 148 -22.68 -3.87 -16.37
N LEU B 149 -22.42 -3.46 -17.60
CA LEU B 149 -21.09 -3.63 -18.19
C LEU B 149 -20.38 -2.29 -18.20
N ILE B 151 -17.08 -0.19 -19.31
CA ILE B 151 -15.85 -0.06 -20.05
C ILE B 151 -14.85 0.66 -19.15
N ILE B 152 -13.69 0.04 -18.96
CA ILE B 152 -12.66 0.60 -18.11
C ILE B 152 -11.93 1.66 -18.91
N ASP B 154 -9.95 4.01 -17.22
CA ASP B 154 -8.75 4.31 -16.47
C ASP B 154 -8.76 3.45 -15.23
N HIS B 155 -7.68 3.45 -14.48
CA HIS B 155 -7.65 2.64 -13.28
C HIS B 155 -6.91 3.37 -12.18
N ILE B 156 -7.01 2.90 -10.94
CA ILE B 156 -6.15 3.41 -9.86
C ILE B 156 -5.58 2.16 -9.27
N ASN B 157 -4.27 2.11 -9.22
CA ASN B 157 -3.59 0.97 -8.64
C ASN B 157 -3.43 1.00 -7.13
N ASN B 158 -3.94 -0.03 -6.44
CA ASN B 158 -3.65 -0.20 -4.99
C ASN B 158 -3.02 -1.54 -4.69
N LEU B 159 -2.51 -2.18 -5.73
CA LEU B 159 -1.69 -3.38 -5.56
C LEU B 159 -0.21 -3.05 -5.77
N PRO B 160 0.70 -3.91 -5.27
CA PRO B 160 2.09 -3.67 -5.61
C PRO B 160 2.25 -3.60 -7.12
N ASN B 161 3.06 -2.65 -7.54
CA ASN B 161 3.26 -2.40 -8.93
C ASN B 161 4.09 -3.60 -9.48
N PRO B 162 3.63 -4.20 -10.59
CA PRO B 162 4.23 -5.44 -11.10
C PRO B 162 5.63 -5.24 -11.63
N LEU B 163 6.06 -3.98 -11.77
CA LEU B 163 7.35 -3.71 -12.38
C LEU B 163 8.48 -3.48 -11.38
N ILE B 164 8.20 -3.42 -10.07
CA ILE B 164 9.27 -3.24 -9.07
C ILE B 164 10.32 -4.35 -9.25
N GLY B 165 11.58 -3.97 -9.24
CA GLY B 165 12.66 -4.91 -9.48
C GLY B 165 13.47 -4.42 -10.66
N PRO B 166 14.58 -5.12 -10.99
CA PRO B 166 15.32 -4.70 -12.19
C PRO B 166 14.44 -4.70 -13.44
N ASN B 167 14.59 -3.69 -14.29
CA ASN B 167 13.73 -3.67 -15.46
C ASN B 167 14.11 -4.80 -16.41
N ASP B 169 14.57 -5.08 -19.80
CA ASP B 169 14.79 -4.27 -21.01
C ASP B 169 14.24 -4.89 -22.28
N PHE B 171 11.60 -6.22 -22.71
CA PHE B 171 10.16 -5.98 -22.77
C PHE B 171 9.71 -4.52 -22.88
N GLY B 172 10.47 -3.58 -22.34
CA GLY B 172 9.94 -2.24 -22.23
C GLY B 172 10.89 -1.34 -21.49
N VAL B 173 10.50 -0.09 -21.33
CA VAL B 173 11.36 0.91 -20.67
C VAL B 173 11.25 0.80 -19.13
N ARG B 174 12.09 1.53 -18.41
CA ARG B 174 12.14 1.48 -16.96
C ARG B 174 10.96 2.23 -16.35
N PHE B 175 10.59 3.33 -16.99
CA PHE B 175 9.47 4.14 -16.51
C PHE B 175 8.42 4.29 -17.59
N PRO B 176 7.57 3.28 -17.77
CA PRO B 176 6.53 3.35 -18.79
C PRO B 176 5.45 4.36 -18.48
N ASP B 177 4.98 5.03 -19.53
CA ASP B 177 3.91 6.02 -19.43
C ASP B 177 2.57 5.31 -19.26
N THR B 179 -0.57 7.34 -19.29
CA THR B 179 -1.53 8.42 -19.50
C THR B 179 -2.81 7.94 -20.19
N ARG B 180 -2.67 7.05 -21.19
CA ARG B 180 -3.84 6.39 -21.79
C ARG B 180 -3.70 4.87 -21.83
N ALA B 181 -3.71 4.26 -20.65
CA ALA B 181 -3.51 2.83 -20.52
C ALA B 181 -4.59 2.06 -21.26
N TYR B 182 -5.83 2.57 -21.23
CA TYR B 182 -6.97 1.93 -21.86
C TYR B 182 -7.17 2.62 -23.20
N ASP B 183 -6.70 1.97 -24.27
CA ASP B 183 -6.70 2.51 -25.62
C ASP B 183 -8.01 3.24 -26.01
N ARG B 184 -7.92 4.51 -26.39
CA ARG B 184 -9.11 5.31 -26.72
CA ARG B 184 -9.14 5.28 -26.69
C ARG B 184 -9.87 4.76 -27.93
N GLU B 185 -9.10 4.33 -28.92
CA GLU B 185 -9.67 3.81 -30.16
CA GLU B 185 -9.68 3.83 -30.15
C GLU B 185 -10.51 2.57 -29.90
N PHE B 186 -10.04 1.70 -29.01
CA PHE B 186 -10.79 0.48 -28.70
C PHE B 186 -12.07 0.80 -27.93
N ILE B 187 -11.99 1.78 -27.03
CA ILE B 187 -13.15 2.27 -26.28
C ILE B 187 -14.21 2.82 -27.24
N ALA B 188 -13.81 3.69 -28.15
CA ALA B 188 -14.72 4.27 -29.14
C ALA B 188 -15.41 3.20 -30.00
N LYS B 189 -14.68 2.19 -30.44
CA LYS B 189 -15.27 1.08 -31.19
C LYS B 189 -16.27 0.27 -30.36
N ALA B 190 -15.89 -0.05 -29.13
CA ALA B 190 -16.74 -0.80 -28.21
C ALA B 190 -18.08 -0.10 -27.98
N LYS B 191 -18.04 1.21 -27.70
CA LYS B 191 -19.26 2.00 -27.49
C LYS B 191 -20.15 1.92 -28.72
N GLY B 192 -19.54 1.93 -29.90
CA GLY B 192 -20.25 1.81 -31.15
C GLY B 192 -20.90 0.45 -31.27
N ILE B 193 -20.10 -0.58 -31.06
CA ILE B 193 -20.57 -1.97 -31.08
C ILE B 193 -21.72 -2.19 -30.08
N ALA B 194 -21.54 -1.68 -28.87
CA ALA B 194 -22.59 -1.67 -27.84
C ALA B 194 -23.86 -1.01 -28.35
N GLN B 195 -23.71 0.19 -28.94
CA GLN B 195 -24.84 0.94 -29.49
CA GLN B 195 -24.86 0.93 -29.47
C GLN B 195 -25.58 0.15 -30.57
N GLU B 196 -24.82 -0.56 -31.40
CA GLU B 196 -25.39 -1.39 -32.47
C GLU B 196 -26.13 -2.61 -31.89
N LEU B 197 -25.50 -3.27 -30.92
CA LEU B 197 -26.11 -4.46 -30.32
C LEU B 197 -27.19 -4.11 -29.28
N ASN B 198 -27.46 -2.82 -29.10
CA ASN B 198 -28.41 -2.31 -28.09
C ASN B 198 -28.16 -2.87 -26.68
N ILE B 199 -26.87 -2.98 -26.35
CA ILE B 199 -26.45 -3.36 -25.02
C ILE B 199 -25.94 -2.09 -24.36
N PRO B 200 -26.70 -1.56 -23.38
CA PRO B 200 -26.27 -0.36 -22.66
C PRO B 200 -25.00 -0.65 -21.89
N VAL B 201 -24.03 0.26 -21.98
CA VAL B 201 -22.74 0.10 -21.30
C VAL B 201 -22.44 1.34 -20.47
N LYS B 202 -21.81 1.13 -19.32
CA LYS B 202 -21.31 2.22 -18.51
C LYS B 202 -19.83 2.39 -18.83
N GLU B 203 -19.23 3.50 -18.37
CA GLU B 203 -17.81 3.75 -18.56
C GLU B 203 -17.29 4.30 -17.24
N GLY B 204 -16.10 3.87 -16.82
CA GLY B 204 -15.56 4.42 -15.58
C GLY B 204 -14.22 3.89 -15.13
N VAL B 205 -13.78 4.37 -13.97
CA VAL B 205 -12.47 4.08 -13.44
C VAL B 205 -12.53 2.82 -12.57
N TYR B 206 -11.66 1.87 -12.87
CA TYR B 206 -11.47 0.63 -12.11
C TYR B 206 -10.43 0.85 -11.01
N VAL B 207 -10.77 0.41 -9.82
CA VAL B 207 -9.84 0.53 -8.71
C VAL B 207 -9.46 -0.90 -8.39
N GLY B 208 -8.16 -1.19 -8.43
CA GLY B 208 -7.63 -2.54 -8.08
C GLY B 208 -7.07 -2.61 -6.68
N LEU B 209 -7.65 -3.48 -5.85
CA LEU B 209 -7.10 -3.79 -4.53
C LEU B 209 -6.58 -5.21 -4.48
N THR B 210 -5.86 -5.56 -3.45
CA THR B 210 -5.38 -6.95 -3.32
C THR B 210 -6.47 -7.97 -3.00
N GLY B 211 -7.48 -7.57 -2.21
CA GLY B 211 -8.35 -8.53 -1.58
C GLY B 211 -7.50 -9.41 -0.65
N PRO B 212 -7.99 -10.60 -0.35
CA PRO B 212 -9.14 -11.31 -0.91
C PRO B 212 -10.44 -11.05 -0.14
N SER B 213 -10.37 -10.37 1.01
CA SER B 213 -11.58 -9.95 1.73
C SER B 213 -12.29 -8.83 0.98
N TYR B 214 -13.61 -8.93 0.83
CA TYR B 214 -14.36 -7.80 0.23
C TYR B 214 -14.21 -6.50 1.05
N GLU B 215 -14.53 -5.37 0.44
CA GLU B 215 -14.22 -4.09 1.09
C GLU B 215 -15.23 -3.82 2.20
N THR B 216 -14.81 -3.05 3.17
CA THR B 216 -15.76 -2.46 4.13
C THR B 216 -16.53 -1.31 3.48
N PRO B 217 -17.65 -0.90 4.09
CA PRO B 217 -18.34 0.28 3.54
C PRO B 217 -17.47 1.51 3.62
N ALA B 218 -16.60 1.61 4.61
CA ALA B 218 -15.76 2.80 4.69
C ALA B 218 -14.72 2.79 3.56
N GLU B 219 -14.07 1.65 3.32
CA GLU B 219 -13.26 1.50 2.10
C GLU B 219 -14.00 1.78 0.79
N TYR B 220 -15.19 1.21 0.59
CA TYR B 220 -15.95 1.46 -0.65
C TYR B 220 -16.18 2.95 -0.85
N LYS B 221 -16.52 3.62 0.26
CA LYS B 221 -16.89 5.02 0.25
C LYS B 221 -15.66 5.88 -0.05
N PHE B 222 -14.54 5.49 0.55
CA PHE B 222 -13.26 6.14 0.34
C PHE B 222 -12.92 6.10 -1.16
N TRP B 223 -13.00 4.91 -1.76
CA TRP B 223 -12.62 4.78 -3.15
C TRP B 223 -13.59 5.48 -4.09
N GLY B 224 -14.87 5.50 -3.76
CA GLY B 224 -15.81 6.24 -4.61
C GLY B 224 -15.55 7.73 -4.51
N GLN B 225 -15.10 8.19 -3.34
CA GLN B 225 -14.91 9.62 -3.11
C GLN B 225 -13.83 10.17 -4.02
N VAL B 226 -12.78 9.38 -4.23
CA VAL B 226 -11.58 9.81 -4.93
C VAL B 226 -11.58 9.56 -6.43
N GLY B 227 -12.69 9.03 -6.97
CA GLY B 227 -12.81 8.83 -8.42
C GLY B 227 -13.11 7.43 -8.95
N GLY B 228 -13.07 6.42 -8.09
CA GLY B 228 -13.39 5.09 -8.54
C GLY B 228 -14.86 4.88 -8.82
N ASP B 229 -15.14 4.03 -9.80
CA ASP B 229 -16.51 3.58 -10.09
C ASP B 229 -16.72 2.12 -9.80
N ALA B 230 -15.64 1.34 -9.85
CA ALA B 230 -15.76 -0.07 -9.60
C ALA B 230 -14.48 -0.58 -8.99
N ILE B 231 -14.60 -1.67 -8.26
CA ILE B 231 -13.46 -2.19 -7.48
CA ILE B 231 -13.46 -2.16 -7.54
C ILE B 231 -13.29 -3.66 -7.76
N GLY B 232 -12.05 -4.05 -8.06
CA GLY B 232 -11.75 -5.48 -8.22
C GLY B 232 -10.43 -5.84 -7.57
N SER B 234 -7.89 -7.57 -9.47
CA SER B 234 -7.14 -8.06 -10.65
C SER B 234 -6.88 -6.90 -11.63
N THR B 235 -6.34 -7.22 -12.81
CA THR B 235 -6.50 -6.39 -14.04
C THR B 235 -5.44 -5.29 -14.07
N VAL B 236 -5.38 -4.43 -13.05
CA VAL B 236 -4.33 -3.42 -12.96
C VAL B 236 -2.89 -3.94 -13.20
N PRO B 237 -2.48 -5.04 -12.51
CA PRO B 237 -1.10 -5.52 -12.73
C PRO B 237 -0.83 -5.94 -14.16
N GLU B 238 -1.74 -6.69 -14.76
CA GLU B 238 -1.64 -7.12 -16.13
C GLU B 238 -1.66 -5.95 -17.10
N VAL B 239 -2.54 -4.98 -16.88
CA VAL B 239 -2.59 -3.79 -17.72
C VAL B 239 -1.28 -3.00 -17.72
N ILE B 240 -0.71 -2.81 -16.53
CA ILE B 240 0.56 -2.14 -16.39
C ILE B 240 1.67 -2.84 -17.23
N VAL B 241 1.81 -4.14 -17.02
CA VAL B 241 2.77 -4.93 -17.80
C VAL B 241 2.49 -4.94 -19.33
N ALA B 242 1.23 -5.10 -19.73
CA ALA B 242 0.89 -4.99 -21.16
C ALA B 242 1.36 -3.66 -21.74
N ARG B 243 1.04 -2.58 -21.05
CA ARG B 243 1.41 -1.22 -21.46
C ARG B 243 2.91 -1.06 -21.41
N HIS B 244 3.56 -1.68 -20.43
CA HIS B 244 5.03 -1.67 -20.38
C HIS B 244 5.64 -2.21 -21.67
N THR B 245 4.95 -3.13 -22.33
CA THR B 245 5.46 -3.77 -23.53
C THR B 245 4.65 -3.43 -24.79
N GLY B 246 3.92 -2.31 -24.72
CA GLY B 246 3.32 -1.71 -25.91
C GLY B 246 2.05 -2.39 -26.40
N ILE B 247 1.52 -3.34 -25.64
CA ILE B 247 0.26 -4.00 -26.03
C ILE B 247 -0.88 -3.03 -25.76
N ARG B 248 -1.82 -2.95 -26.71
CA ARG B 248 -2.98 -2.05 -26.61
C ARG B 248 -4.08 -2.74 -25.80
N VAL B 249 -4.67 -2.04 -24.84
CA VAL B 249 -5.53 -2.67 -23.84
C VAL B 249 -6.96 -2.19 -23.97
N PHE B 250 -7.89 -3.14 -24.08
CA PHE B 250 -9.30 -2.86 -23.84
C PHE B 250 -9.69 -3.61 -22.58
N GLY B 251 -10.53 -2.99 -21.75
CA GLY B 251 -10.94 -3.56 -20.50
C GLY B 251 -12.39 -3.30 -20.21
N SER B 253 -15.49 -4.32 -17.06
CA SER B 253 -15.95 -5.00 -15.84
C SER B 253 -17.42 -5.37 -15.96
N VAL B 254 -17.79 -6.52 -15.40
CA VAL B 254 -19.19 -6.77 -15.05
C VAL B 254 -19.37 -6.35 -13.60
N ILE B 255 -20.34 -5.47 -13.37
CA ILE B 255 -20.70 -5.05 -12.03
C ILE B 255 -21.50 -6.19 -11.39
N THR B 256 -20.89 -6.84 -10.41
CA THR B 256 -21.46 -8.07 -9.87
C THR B 256 -22.19 -7.86 -8.54
N ASN B 257 -21.91 -6.73 -7.89
CA ASN B 257 -22.47 -6.43 -6.60
C ASN B 257 -22.31 -4.95 -6.38
N GLU B 258 -23.19 -4.40 -5.56
CA GLU B 258 -23.19 -2.98 -5.31
C GLU B 258 -22.59 -2.74 -3.94
N GLY B 259 -21.47 -2.01 -3.90
CA GLY B 259 -20.82 -1.62 -2.67
C GLY B 259 -21.30 -0.28 -2.15
N TYR B 260 -22.61 -0.13 -2.06
CA TYR B 260 -23.23 1.08 -1.55
C TYR B 260 -24.66 0.76 -1.18
N HIS B 261 -25.25 1.60 -0.32
CA HIS B 261 -26.66 1.45 0.06
C HIS B 261 -26.89 0.06 0.66
N PHE B 262 -26.13 -0.25 1.70
CA PHE B 262 -26.18 -1.58 2.28
C PHE B 262 -27.39 -1.83 3.14
N ALA B 263 -28.14 -2.85 2.74
CA ALA B 263 -29.21 -3.42 3.54
C ALA B 263 -28.61 -3.95 4.85
N ASP B 264 -29.37 -3.92 5.93
CA ASP B 264 -28.84 -4.28 7.24
C ASP B 264 -28.20 -5.67 7.32
N ASP B 265 -28.69 -6.62 6.55
CA ASP B 265 -28.13 -7.96 6.58
C ASP B 265 -27.48 -8.38 5.25
N PHE B 266 -27.15 -7.40 4.43
CA PHE B 266 -26.46 -7.73 3.18
C PHE B 266 -25.09 -8.32 3.46
N VAL B 267 -24.77 -9.39 2.76
CA VAL B 267 -23.41 -9.89 2.72
C VAL B 267 -22.94 -10.09 1.28
N ASN B 268 -21.71 -9.67 1.01
CA ASN B 268 -20.98 -10.01 -0.24
C ASN B 268 -20.66 -11.49 -0.23
N ASP B 269 -20.63 -12.12 -1.42
CA ASP B 269 -20.39 -13.57 -1.54
C ASP B 269 -19.76 -13.94 -2.89
N GLU B 270 -18.83 -14.91 -2.87
CA GLU B 270 -18.13 -15.44 -4.05
C GLU B 270 -19.06 -16.03 -5.14
N GLN B 271 -19.95 -16.92 -4.75
CA GLN B 271 -20.91 -17.49 -5.72
C GLN B 271 -21.92 -16.47 -6.26
N ASP B 272 -22.34 -15.53 -5.42
CA ASP B 272 -23.19 -14.42 -5.85
C ASP B 272 -22.57 -13.61 -7.00
N VAL B 273 -21.29 -13.27 -6.84
CA VAL B 273 -20.50 -12.57 -7.85
C VAL B 273 -20.40 -13.39 -9.14
N ILE B 274 -20.09 -14.68 -9.00
CA ILE B 274 -19.92 -15.55 -10.17
C ILE B 274 -21.22 -15.70 -10.97
N ARG B 275 -22.34 -15.84 -10.28
CA ARG B 275 -23.66 -15.97 -10.90
C ARG B 275 -24.05 -14.67 -11.65
N ALA B 276 -23.66 -13.54 -11.06
CA ALA B 276 -23.92 -12.23 -11.64
C ALA B 276 -23.08 -12.06 -12.92
N ALA B 277 -21.80 -12.40 -12.82
CA ALA B 277 -20.89 -12.41 -13.96
C ALA B 277 -21.36 -13.34 -15.09
N ASN B 278 -21.61 -14.62 -14.76
CA ASN B 278 -22.29 -15.58 -15.66
C ASN B 278 -23.48 -14.95 -16.38
N ALA B 279 -24.43 -14.45 -15.58
CA ALA B 279 -25.64 -13.82 -16.11
C ALA B 279 -25.30 -12.79 -17.20
N ALA B 280 -24.39 -11.87 -16.92
CA ALA B 280 -23.96 -10.87 -17.89
C ALA B 280 -23.05 -11.38 -19.02
N SER B 281 -22.57 -12.62 -18.92
CA SER B 281 -21.55 -13.15 -19.83
C SER B 281 -21.83 -12.90 -21.30
N GLU B 282 -23.00 -13.34 -21.75
CA GLU B 282 -23.43 -13.26 -23.14
C GLU B 282 -23.32 -11.86 -23.79
N LYS B 283 -23.78 -10.84 -23.09
CA LYS B 283 -23.68 -9.46 -23.58
CA LYS B 283 -23.68 -9.47 -23.61
C LYS B 283 -22.22 -9.04 -23.71
N GLY B 285 -19.80 -11.14 -24.15
CA GLY B 285 -19.31 -12.02 -25.21
C GLY B 285 -19.59 -11.44 -26.57
N ALA B 286 -20.79 -10.91 -26.75
CA ALA B 286 -21.20 -10.34 -28.02
C ALA B 286 -20.35 -9.13 -28.43
N ILE B 287 -19.98 -8.32 -27.43
CA ILE B 287 -19.16 -7.12 -27.63
C ILE B 287 -17.71 -7.47 -27.96
N PHE B 288 -17.18 -8.46 -27.26
CA PHE B 288 -15.83 -8.93 -27.49
C PHE B 288 -15.60 -9.56 -28.87
N ALA B 289 -16.58 -10.34 -29.34
CA ALA B 289 -16.51 -10.99 -30.66
C ALA B 289 -16.55 -9.99 -31.81
N ARG B 290 -17.36 -8.94 -31.67
CA ARG B 290 -17.37 -7.89 -32.69
C ARG B 290 -16.15 -6.97 -32.56
N LEU B 291 -15.72 -6.73 -31.32
CA LEU B 291 -14.56 -5.87 -31.06
C LEU B 291 -13.26 -6.49 -31.60
N ILE B 292 -13.07 -7.80 -31.40
CA ILE B 292 -11.86 -8.49 -31.88
C ILE B 292 -11.77 -8.44 -33.41
N ALA B 293 -12.95 -8.51 -34.03
CA ALA B 293 -13.07 -8.49 -35.47
C ALA B 293 -12.80 -7.10 -36.07
N ALA B 294 -12.86 -6.05 -35.24
CA ALA B 294 -12.68 -4.68 -35.72
C ALA B 294 -11.38 -3.96 -35.27
N VAL B 295 -10.54 -4.60 -34.46
CA VAL B 295 -9.35 -3.91 -33.94
C VAL B 295 -8.14 -3.91 -34.89
N LYS C 24 -0.35 -28.86 5.01
CA LYS C 24 -0.78 -29.64 6.17
C LYS C 24 0.00 -29.21 7.41
N LEU C 25 1.19 -28.64 7.19
CA LEU C 25 2.07 -28.17 8.26
C LEU C 25 1.47 -26.97 9.00
N GLN C 26 0.85 -26.06 8.26
CA GLN C 26 0.23 -24.87 8.83
C GLN C 26 -0.92 -25.20 9.76
N GLU C 27 -1.92 -25.93 9.24
CA GLU C 27 -3.01 -26.46 10.06
C GLU C 27 -2.47 -27.03 11.37
N GLN C 28 -1.44 -27.87 11.26
CA GLN C 28 -0.85 -28.56 12.40
C GLN C 28 -0.29 -27.57 13.45
N HIS C 29 0.32 -26.48 12.98
CA HIS C 29 0.81 -25.41 13.85
C HIS C 29 -0.32 -24.75 14.65
N TYR C 30 -1.46 -24.48 14.01
CA TYR C 30 -2.63 -23.96 14.73
C TYR C 30 -3.01 -24.94 15.83
N HIS C 31 -3.31 -26.18 15.45
CA HIS C 31 -3.62 -27.27 16.39
C HIS C 31 -2.65 -27.41 17.57
N GLU C 32 -1.36 -27.14 17.34
CA GLU C 32 -0.35 -27.35 18.37
C GLU C 32 -0.38 -26.26 19.41
N ALA C 33 -0.64 -25.04 18.94
CA ALA C 33 -0.75 -23.89 19.81
C ALA C 33 -2.05 -24.01 20.62
N ALA C 34 -3.10 -24.49 19.97
CA ALA C 34 -4.44 -24.59 20.58
C ALA C 34 -4.48 -25.71 21.61
N SER C 35 -3.79 -26.82 21.33
CA SER C 35 -3.63 -27.93 22.29
CA SER C 35 -3.68 -27.91 22.30
C SER C 35 -2.97 -27.41 23.56
N PHE C 36 -1.85 -26.71 23.38
CA PHE C 36 -1.06 -26.21 24.49
C PHE C 36 -1.88 -25.30 25.40
N LEU C 37 -2.61 -24.36 24.80
CA LEU C 37 -3.46 -23.48 25.60
C LEU C 37 -4.60 -24.24 26.27
N SER C 38 -5.27 -25.13 25.53
CA SER C 38 -6.43 -25.86 26.05
CA SER C 38 -6.43 -25.85 26.05
C SER C 38 -6.09 -26.63 27.33
N SER C 39 -4.89 -27.22 27.36
CA SER C 39 -4.48 -27.99 28.52
C SER C 39 -4.05 -27.09 29.69
N ARG C 40 -4.05 -25.77 29.49
CA ARG C 40 -3.69 -24.84 30.57
C ARG C 40 -4.84 -23.91 30.97
N LEU C 41 -5.80 -23.76 30.08
CA LEU C 41 -6.93 -22.88 30.28
C LEU C 41 -8.15 -23.67 30.69
N PRO C 42 -9.11 -23.02 31.37
CA PRO C 42 -10.37 -23.60 31.77
C PRO C 42 -11.10 -24.23 30.58
N GLY C 43 -11.32 -23.46 29.52
CA GLY C 43 -11.95 -24.01 28.33
C GLY C 43 -13.42 -23.70 28.22
N ASP C 44 -13.90 -22.82 29.09
CA ASP C 44 -15.27 -22.34 29.05
C ASP C 44 -15.46 -20.93 28.48
N ALA C 45 -14.37 -20.19 28.28
CA ALA C 45 -14.47 -18.83 27.74
C ALA C 45 -14.98 -18.82 26.29
N LYS C 46 -15.88 -17.90 26.01
CA LYS C 46 -16.37 -17.71 24.64
C LYS C 46 -15.99 -16.34 24.09
N THR C 47 -15.43 -15.50 24.96
CA THR C 47 -14.95 -14.19 24.56
C THR C 47 -13.47 -14.03 24.85
N ALA C 48 -12.73 -13.51 23.87
CA ALA C 48 -11.36 -13.11 24.07
C ALA C 48 -11.25 -11.62 23.93
N ILE C 49 -10.33 -11.06 24.70
CA ILE C 49 -10.03 -9.65 24.66
C ILE C 49 -8.58 -9.36 24.31
N ILE C 50 -8.38 -8.48 23.34
CA ILE C 50 -7.05 -7.98 23.04
C ILE C 50 -6.82 -6.63 23.68
N LEU C 51 -5.83 -6.60 24.58
CA LEU C 51 -5.40 -5.43 25.33
C LEU C 51 -4.22 -4.72 24.64
N GLY C 52 -4.45 -3.50 24.15
CA GLY C 52 -3.47 -2.74 23.38
C GLY C 52 -2.52 -1.90 24.20
N SER C 53 -1.89 -0.93 23.53
CA SER C 53 -0.75 -0.19 24.08
C SER C 53 -0.88 0.39 25.50
N GLY C 54 -1.86 1.22 25.78
CA GLY C 54 -1.94 1.73 27.19
C GLY C 54 -2.72 0.84 28.15
N LEU C 55 -3.10 -0.34 27.69
CA LEU C 55 -4.27 -1.04 28.20
C LEU C 55 -3.98 -2.41 28.83
N GLY C 56 -2.71 -2.80 28.85
CA GLY C 56 -2.28 -4.11 29.37
C GLY C 56 -2.59 -4.33 30.85
N GLU C 57 -2.67 -3.26 31.63
CA GLU C 57 -2.98 -3.37 33.05
C GLU C 57 -4.46 -3.64 33.42
N LEU C 58 -5.36 -3.69 32.42
CA LEU C 58 -6.69 -4.28 32.63
C LEU C 58 -6.61 -5.75 33.09
N ALA C 59 -5.45 -6.39 32.91
CA ALA C 59 -5.21 -7.75 33.43
C ALA C 59 -5.51 -7.80 34.93
N GLU C 60 -5.28 -6.68 35.60
CA GLU C 60 -5.47 -6.54 37.05
C GLU C 60 -6.92 -6.76 37.47
N LYS C 61 -7.84 -6.46 36.55
CA LYS C 61 -9.27 -6.69 36.77
C LYS C 61 -9.67 -8.16 36.57
N ILE C 62 -8.85 -8.94 35.86
CA ILE C 62 -9.19 -10.34 35.60
C ILE C 62 -8.92 -11.18 36.85
N GLU C 63 -9.94 -11.90 37.33
CA GLU C 63 -9.84 -12.65 38.56
C GLU C 63 -9.47 -14.07 38.24
N ASN C 64 -8.84 -14.76 39.19
CA ASN C 64 -8.47 -16.16 39.01
C ASN C 64 -7.57 -16.36 37.78
N LYS C 65 -6.56 -15.51 37.64
CA LYS C 65 -5.72 -15.50 36.43
C LYS C 65 -4.88 -16.77 36.22
N THR C 66 -4.90 -17.28 34.99
CA THR C 66 -3.90 -18.28 34.54
C THR C 66 -3.07 -17.52 33.50
N VAL C 67 -1.79 -17.30 33.78
CA VAL C 67 -0.98 -16.42 32.96
C VAL C 67 -0.04 -17.29 32.13
N ILE C 68 -0.20 -17.27 30.80
CA ILE C 68 0.64 -18.09 29.89
C ILE C 68 1.46 -17.17 28.97
N PRO C 69 2.79 -17.08 29.20
CA PRO C 69 3.62 -16.16 28.41
C PRO C 69 3.65 -16.57 26.93
N TYR C 70 3.58 -15.60 26.00
CA TYR C 70 3.60 -15.93 24.58
C TYR C 70 4.81 -16.78 24.19
N ASN C 71 5.95 -16.52 24.84
CA ASN C 71 7.19 -17.23 24.50
C ASN C 71 7.12 -18.75 24.75
N GLU C 72 6.18 -19.17 25.61
CA GLU C 72 5.97 -20.58 25.96
C GLU C 72 5.05 -21.29 24.99
N ILE C 73 4.32 -20.51 24.18
CA ILE C 73 3.23 -21.11 23.38
C ILE C 73 3.75 -21.48 22.01
N PRO C 74 3.55 -22.74 21.56
CA PRO C 74 3.97 -23.11 20.20
C PRO C 74 3.60 -22.06 19.14
N HIS C 75 4.59 -21.62 18.36
CA HIS C 75 4.36 -20.76 17.18
C HIS C 75 3.85 -19.34 17.42
N PHE C 76 3.69 -18.93 18.67
CA PHE C 76 3.42 -17.52 18.96
C PHE C 76 4.71 -16.72 18.78
N ALA C 77 4.53 -15.54 18.19
CA ALA C 77 5.56 -14.56 18.06
C ALA C 77 5.95 -14.05 19.41
N GLN C 78 7.06 -13.34 19.49
CA GLN C 78 7.74 -13.02 20.72
C GLN C 78 7.77 -11.57 21.10
N ALA C 79 6.66 -10.89 20.85
CA ALA C 79 6.22 -9.63 21.44
C ALA C 79 7.36 -8.61 21.64
N THR C 80 7.46 -7.55 20.83
CA THR C 80 8.58 -6.61 20.99
C THR C 80 8.15 -5.17 21.18
N ALA C 81 6.87 -4.90 21.04
CA ALA C 81 6.43 -3.51 21.12
C ALA C 81 6.36 -3.02 22.55
N VAL C 82 6.71 -1.80 22.80
CA VAL C 82 6.81 -1.27 24.13
C VAL C 82 5.40 -1.07 24.71
N GLY C 83 5.18 -1.58 25.91
CA GLY C 83 3.86 -1.55 26.53
C GLY C 83 3.07 -2.80 26.18
N HIS C 84 3.75 -3.77 25.58
CA HIS C 84 3.12 -5.04 25.21
C HIS C 84 3.79 -6.25 25.88
N LYS C 85 3.28 -6.61 27.06
CA LYS C 85 3.88 -7.66 27.89
C LYS C 85 4.00 -9.00 27.17
N GLY C 86 2.94 -9.46 26.55
CA GLY C 86 3.02 -10.70 25.81
C GLY C 86 2.58 -11.89 26.64
N ASN C 87 1.34 -11.84 27.13
CA ASN C 87 0.76 -12.97 27.83
C ASN C 87 -0.64 -13.30 27.36
N ILE C 88 -0.94 -14.59 27.32
CA ILE C 88 -2.33 -15.06 27.37
C ILE C 88 -2.77 -15.17 28.84
N ILE C 89 -3.87 -14.50 29.15
CA ILE C 89 -4.41 -14.58 30.49
C ILE C 89 -5.79 -15.23 30.45
N GLY C 90 -5.91 -16.33 31.18
CA GLY C 90 -7.20 -16.99 31.40
C GLY C 90 -7.78 -16.44 32.69
N GLY C 91 -9.10 -16.35 32.74
CA GLY C 91 -9.70 -15.94 34.01
C GLY C 91 -11.12 -15.49 33.93
N ILE C 92 -11.46 -14.55 34.80
CA ILE C 92 -12.85 -14.09 35.00
C ILE C 92 -12.92 -12.57 35.02
N LEU C 93 -13.70 -12.04 34.09
CA LEU C 93 -13.96 -10.62 33.94
C LEU C 93 -15.47 -10.46 33.86
N GLY C 94 -16.02 -9.52 34.62
CA GLY C 94 -17.49 -9.33 34.67
C GLY C 94 -18.24 -10.61 34.97
N GLY C 95 -17.73 -11.38 35.94
CA GLY C 95 -18.32 -12.65 36.30
C GLY C 95 -18.40 -13.65 35.16
N THR C 96 -17.50 -13.52 34.18
CA THR C 96 -17.62 -14.24 32.92
C THR C 96 -16.25 -14.78 32.50
N PRO C 97 -16.20 -16.06 32.08
CA PRO C 97 -14.92 -16.63 31.61
C PRO C 97 -14.34 -15.81 30.45
N VAL C 98 -13.05 -15.49 30.52
CA VAL C 98 -12.39 -14.63 29.51
C VAL C 98 -11.03 -15.23 29.11
N VAL C 99 -10.60 -15.03 27.86
CA VAL C 99 -9.18 -15.20 27.50
C VAL C 99 -8.71 -13.86 27.01
N ALA C 100 -7.67 -13.32 27.64
CA ALA C 100 -7.10 -12.07 27.18
C ALA C 100 -5.75 -12.24 26.51
N GLN C 102 -2.81 -10.05 26.54
CA GLN C 102 -2.11 -8.92 27.15
C GLN C 102 -0.88 -8.61 26.29
N GLY C 103 -0.97 -7.53 25.52
CA GLY C 103 -0.04 -7.31 24.44
C GLY C 103 -0.51 -7.95 23.13
N ARG C 104 -0.18 -7.31 22.01
CA ARG C 104 -0.56 -7.83 20.70
C ARG C 104 0.60 -7.66 19.69
N PHE C 105 0.51 -8.33 18.57
CA PHE C 105 1.61 -8.26 17.62
C PHE C 105 1.25 -7.19 16.61
N HIS C 106 2.25 -6.58 15.99
CA HIS C 106 2.01 -5.51 15.00
C HIS C 106 2.86 -5.79 13.77
N TYR C 107 2.36 -5.38 12.60
CA TYR C 107 3.10 -5.53 11.38
C TYR C 107 4.40 -4.71 11.37
N TYR C 108 4.42 -3.57 12.06
CA TYR C 108 5.66 -2.78 12.09
C TYR C 108 6.81 -3.51 12.76
N GLU C 109 6.54 -4.61 13.46
CA GLU C 109 7.59 -5.28 14.22
C GLU C 109 8.50 -6.12 13.33
N GLY C 110 8.05 -6.37 12.11
CA GLY C 110 8.80 -7.24 11.20
C GLY C 110 8.10 -8.53 10.83
N TYR C 111 7.07 -8.89 11.60
CA TYR C 111 6.33 -10.13 11.45
C TYR C 111 5.53 -10.19 10.16
N SER C 112 5.23 -11.40 9.71
CA SER C 112 4.31 -11.55 8.61
C SER C 112 2.91 -11.35 9.19
N ASP C 114 0.64 -13.49 8.76
CA ASP C 114 0.37 -14.83 9.28
C ASP C 114 0.78 -14.90 10.73
N GLN C 115 1.91 -14.28 11.06
CA GLN C 115 2.41 -14.26 12.44
C GLN C 115 1.60 -13.35 13.34
N VAL C 116 1.22 -12.18 12.84
CA VAL C 116 0.49 -11.18 13.63
C VAL C 116 -0.86 -11.69 14.09
N THR C 117 -1.52 -12.40 13.19
CA THR C 117 -2.91 -12.80 13.37
C THR C 117 -3.04 -14.22 13.83
N PHE C 118 -1.90 -14.92 13.97
CA PHE C 118 -1.90 -16.33 14.37
C PHE C 118 -2.80 -16.57 15.61
N PRO C 119 -2.64 -15.77 16.67
CA PRO C 119 -3.44 -15.94 17.88
C PRO C 119 -4.93 -15.99 17.63
N ILE C 120 -5.43 -15.28 16.61
CA ILE C 120 -6.88 -15.21 16.40
C ILE C 120 -7.44 -16.54 15.95
N ARG C 121 -6.66 -17.25 15.13
CA ARG C 121 -7.09 -18.55 14.66
C ARG C 121 -6.96 -19.61 15.77
N VAL C 122 -5.95 -19.46 16.62
CA VAL C 122 -5.80 -20.30 17.82
C VAL C 122 -7.01 -20.07 18.74
N LYS C 124 -10.05 -19.16 17.71
CA LYS C 124 -11.13 -19.94 17.12
C LYS C 124 -11.08 -21.39 17.63
N LEU C 125 -9.93 -22.04 17.47
CA LEU C 125 -9.76 -23.45 17.87
C LEU C 125 -10.12 -23.73 19.35
N LEU C 126 -9.87 -22.74 20.20
CA LEU C 126 -10.27 -22.81 21.62
C LEU C 126 -11.78 -22.65 21.88
N GLY C 127 -12.53 -22.20 20.86
CA GLY C 127 -13.98 -22.09 20.95
C GLY C 127 -14.44 -20.69 21.24
N ILE C 128 -13.53 -19.73 21.03
CA ILE C 128 -13.82 -18.32 21.15
C ILE C 128 -14.80 -17.94 20.05
N GLU C 129 -15.86 -17.24 20.44
CA GLU C 129 -16.86 -16.75 19.46
C GLU C 129 -16.91 -15.24 19.30
N ASN C 130 -16.42 -14.54 20.31
CA ASN C 130 -16.50 -13.10 20.38
C ASN C 130 -15.13 -12.58 20.64
N LEU C 131 -14.75 -11.51 19.96
CA LEU C 131 -13.43 -10.93 20.13
C LEU C 131 -13.55 -9.47 20.42
N PHE C 132 -13.08 -9.03 21.60
CA PHE C 132 -13.13 -7.62 21.89
C PHE C 132 -11.72 -7.13 21.69
N VAL C 133 -11.59 -5.99 21.04
CA VAL C 133 -10.28 -5.47 20.68
C VAL C 133 -10.19 -3.99 20.93
N SER C 134 -9.13 -3.65 21.65
CA SER C 134 -8.81 -2.31 22.03
C SER C 134 -7.49 -1.94 21.43
N ASN C 135 -7.28 -0.63 21.40
CA ASN C 135 -6.05 -0.07 20.90
C ASN C 135 -5.95 1.38 21.28
N ALA C 136 -4.73 1.88 21.16
CA ALA C 136 -4.42 3.29 21.22
C ALA C 136 -4.46 3.88 19.81
N ALA C 137 -5.24 4.93 19.63
CA ALA C 137 -5.42 5.53 18.30
C ALA C 137 -5.28 7.06 18.29
N GLY C 138 -4.81 7.60 17.17
CA GLY C 138 -4.73 9.04 16.96
C GLY C 138 -6.06 9.59 16.49
N GLY C 139 -6.51 10.67 17.11
CA GLY C 139 -7.75 11.27 16.69
C GLY C 139 -7.56 12.12 15.45
N ILE C 140 -8.35 11.85 14.42
CA ILE C 140 -8.28 12.64 13.19
C ILE C 140 -9.61 13.35 12.87
N ASN C 141 -10.65 12.96 13.60
CA ASN C 141 -11.89 13.72 13.69
C ASN C 141 -11.61 14.84 14.71
N THR C 142 -11.70 16.10 14.27
CA THR C 142 -11.28 17.23 15.11
C THR C 142 -12.15 17.42 16.38
N SER C 143 -13.17 16.62 16.44
CA SER C 143 -14.08 16.66 17.68
CA SER C 143 -14.08 16.64 17.67
C SER C 143 -13.68 15.55 18.87
N PHE C 144 -12.66 14.77 18.52
CA PHE C 144 -12.14 13.79 19.40
C PHE C 144 -10.95 14.33 20.08
N LYS C 145 -10.85 14.12 21.36
CA LYS C 145 -9.87 14.73 22.20
C LYS C 145 -9.18 13.59 22.99
N VAL C 146 -8.00 13.88 23.44
CA VAL C 146 -7.25 12.92 24.24
C VAL C 146 -8.12 12.44 25.40
N GLY C 147 -8.17 11.13 25.60
CA GLY C 147 -8.96 10.54 26.66
C GLY C 147 -10.26 9.92 26.20
N ASP C 148 -10.75 10.34 25.04
CA ASP C 148 -12.01 9.81 24.54
C ASP C 148 -11.93 8.33 24.19
N LEU C 149 -13.03 7.66 24.46
CA LEU C 149 -13.19 6.29 24.02
C LEU C 149 -14.03 6.33 22.76
N ILE C 151 -15.98 3.95 19.92
CA ILE C 151 -16.48 2.67 19.45
C ILE C 151 -16.14 2.60 17.96
N ILE C 152 -15.41 1.56 17.58
CA ILE C 152 -15.10 1.35 16.19
C ILE C 152 -16.29 0.83 15.41
N ASP C 154 -16.38 0.94 11.88
CA ASP C 154 -15.84 0.38 10.62
C ASP C 154 -14.38 0.70 10.62
N HIS C 155 -13.65 0.12 9.69
CA HIS C 155 -12.26 0.49 9.51
C HIS C 155 -11.89 0.69 8.04
N ILE C 156 -10.75 1.34 7.84
CA ILE C 156 -10.06 1.29 6.57
C ILE C 156 -8.71 0.62 6.66
N ASN C 157 -8.49 -0.39 5.84
CA ASN C 157 -7.22 -1.13 5.86
C ASN C 157 -6.17 -0.54 4.93
N ASN C 158 -5.10 -0.06 5.54
CA ASN C 158 -3.96 0.27 4.76
C ASN C 158 -2.69 -0.48 5.10
N LEU C 159 -2.85 -1.67 5.71
CA LEU C 159 -1.75 -2.63 5.88
C LEU C 159 -1.96 -3.78 4.90
N PRO C 160 -0.89 -4.55 4.58
CA PRO C 160 -1.09 -5.68 3.68
C PRO C 160 -2.24 -6.58 4.18
N ASN C 161 -3.17 -6.96 3.32
CA ASN C 161 -4.28 -7.87 3.73
C ASN C 161 -3.73 -9.22 4.28
N PRO C 162 -4.17 -9.63 5.51
CA PRO C 162 -3.57 -10.81 6.17
C PRO C 162 -4.00 -12.14 5.59
N LEU C 163 -4.98 -12.12 4.70
CA LEU C 163 -5.47 -13.32 4.08
C LEU C 163 -4.78 -13.63 2.75
N ILE C 164 -3.86 -12.75 2.34
CA ILE C 164 -3.11 -13.01 1.09
C ILE C 164 -2.33 -14.31 1.27
N GLY C 165 -2.49 -15.16 0.27
CA GLY C 165 -1.84 -16.44 0.17
C GLY C 165 -2.95 -17.43 0.01
N PRO C 166 -2.59 -18.71 -0.05
CA PRO C 166 -3.54 -19.81 -0.13
C PRO C 166 -4.59 -19.73 1.01
N ASN C 167 -5.85 -20.02 0.68
CA ASN C 167 -6.89 -19.88 1.68
C ASN C 167 -6.85 -21.06 2.64
N ASP C 169 -8.90 -23.14 4.27
CA ASP C 169 -10.30 -23.59 4.30
C ASP C 169 -10.77 -24.07 5.69
N PHE C 171 -10.47 -22.57 8.30
CA PHE C 171 -10.93 -21.38 8.99
C PHE C 171 -12.06 -20.59 8.32
N GLY C 172 -12.18 -20.67 6.99
CA GLY C 172 -13.18 -19.81 6.32
C GLY C 172 -13.05 -19.76 4.81
N VAL C 173 -13.82 -18.86 4.20
CA VAL C 173 -13.94 -18.78 2.74
C VAL C 173 -12.83 -17.96 2.06
N ARG C 174 -12.60 -18.25 0.79
CA ARG C 174 -11.61 -17.48 0.02
C ARG C 174 -11.79 -15.96 0.09
N PHE C 175 -13.05 -15.50 0.04
CA PHE C 175 -13.40 -14.06 -0.06
C PHE C 175 -14.47 -13.75 0.95
N PRO C 176 -14.07 -13.41 2.18
CA PRO C 176 -15.03 -13.10 3.23
C PRO C 176 -15.63 -11.73 3.09
N ASP C 177 -16.92 -11.66 3.38
CA ASP C 177 -17.66 -10.41 3.56
C ASP C 177 -17.08 -9.55 4.69
N THR C 179 -18.88 -6.45 5.30
CA THR C 179 -19.94 -5.43 5.33
C THR C 179 -20.24 -4.80 6.70
N ARG C 180 -20.25 -5.64 7.73
CA ARG C 180 -20.42 -5.24 9.13
C ARG C 180 -19.36 -6.00 9.91
N ALA C 181 -18.11 -5.56 9.78
CA ALA C 181 -16.98 -6.19 10.45
C ALA C 181 -17.13 -6.00 11.95
N TYR C 182 -17.76 -4.90 12.36
CA TYR C 182 -17.97 -4.58 13.77
C TYR C 182 -19.43 -4.78 14.14
N ASP C 183 -19.66 -5.81 14.97
CA ASP C 183 -21.00 -6.37 15.18
C ASP C 183 -21.96 -5.27 15.65
N ARG C 184 -23.12 -5.15 14.99
CA ARG C 184 -24.08 -4.10 15.30
CA ARG C 184 -24.04 -4.08 15.31
C ARG C 184 -24.71 -4.29 16.67
N GLU C 185 -24.97 -5.54 17.04
CA GLU C 185 -25.59 -5.81 18.35
CA GLU C 185 -25.60 -5.78 18.33
C GLU C 185 -24.62 -5.43 19.46
N PHE C 186 -23.35 -5.78 19.26
CA PHE C 186 -22.29 -5.46 20.23
C PHE C 186 -22.12 -3.96 20.44
N ILE C 187 -22.15 -3.19 19.34
CA ILE C 187 -22.12 -1.74 19.39
C ILE C 187 -23.34 -1.20 20.15
N ALA C 188 -24.52 -1.70 19.81
CA ALA C 188 -25.75 -1.33 20.52
C ALA C 188 -25.67 -1.57 22.03
N LYS C 189 -25.20 -2.75 22.40
CA LYS C 189 -25.09 -3.15 23.79
C LYS C 189 -24.03 -2.33 24.51
N ALA C 190 -22.91 -2.05 23.83
CA ALA C 190 -21.84 -1.24 24.41
C ALA C 190 -22.27 0.21 24.67
N LYS C 191 -23.09 0.74 23.77
CA LYS C 191 -23.59 2.09 23.93
C LYS C 191 -24.58 2.13 25.10
N GLY C 192 -25.44 1.11 25.19
CA GLY C 192 -26.39 0.99 26.27
C GLY C 192 -25.67 0.92 27.60
N ILE C 193 -24.56 0.18 27.62
CA ILE C 193 -23.76 -0.02 28.82
C ILE C 193 -23.03 1.26 29.24
N ALA C 194 -22.48 1.98 28.25
CA ALA C 194 -21.77 3.24 28.51
C ALA C 194 -22.75 4.25 29.12
N GLN C 195 -23.98 4.29 28.61
CA GLN C 195 -25.02 5.19 29.16
CA GLN C 195 -25.00 5.18 29.16
C GLN C 195 -25.32 4.83 30.62
N GLU C 196 -25.46 3.54 30.91
CA GLU C 196 -25.69 3.07 32.27
C GLU C 196 -24.59 3.54 33.22
N LEU C 197 -23.35 3.52 32.74
CA LEU C 197 -22.18 3.76 33.56
C LEU C 197 -21.70 5.22 33.60
N ASN C 198 -22.41 6.11 32.89
CA ASN C 198 -22.07 7.53 32.94
C ASN C 198 -20.70 7.76 32.28
N ILE C 199 -20.42 6.94 31.26
CA ILE C 199 -19.17 7.00 30.51
C ILE C 199 -19.47 7.50 29.09
N PRO C 200 -18.90 8.65 28.72
CA PRO C 200 -19.26 9.08 27.37
C PRO C 200 -18.46 8.28 26.34
N VAL C 201 -19.09 7.99 25.21
CA VAL C 201 -18.38 7.33 24.09
C VAL C 201 -18.62 8.01 22.73
N LYS C 202 -17.59 7.92 21.89
CA LYS C 202 -17.65 8.37 20.50
C LYS C 202 -17.80 7.11 19.63
N GLU C 203 -18.24 7.31 18.39
CA GLU C 203 -18.18 6.25 17.40
C GLU C 203 -17.44 6.72 16.16
N GLY C 204 -16.82 5.78 15.47
CA GLY C 204 -16.22 6.14 14.22
C GLY C 204 -15.33 5.12 13.55
N VAL C 205 -14.77 5.58 12.45
CA VAL C 205 -13.95 4.77 11.58
C VAL C 205 -12.47 4.82 11.98
N TYR C 206 -11.91 3.63 12.20
CA TYR C 206 -10.52 3.42 12.50
C TYR C 206 -9.74 3.11 11.23
N VAL C 207 -8.64 3.83 11.00
CA VAL C 207 -7.80 3.62 9.82
C VAL C 207 -6.57 2.87 10.24
N GLY C 208 -6.28 1.76 9.58
CA GLY C 208 -5.14 0.94 9.95
C GLY C 208 -3.98 1.20 9.02
N LEU C 209 -2.89 1.72 9.56
CA LEU C 209 -1.64 1.97 8.85
C LEU C 209 -0.50 1.16 9.46
N THR C 210 0.56 0.92 8.72
CA THR C 210 1.63 0.10 9.26
C THR C 210 2.42 0.74 10.39
N GLY C 211 2.67 2.04 10.25
CA GLY C 211 3.69 2.70 11.06
C GLY C 211 5.04 2.12 10.67
N PRO C 212 6.03 2.25 11.56
CA PRO C 212 5.93 2.69 12.95
C PRO C 212 6.14 4.18 13.23
N SER C 213 6.60 4.97 12.26
CA SER C 213 6.61 6.39 12.48
C SER C 213 5.15 6.84 12.60
N TYR C 214 4.94 7.85 13.43
CA TYR C 214 3.65 8.53 13.46
C TYR C 214 3.43 9.30 12.12
N GLU C 215 2.19 9.74 11.88
CA GLU C 215 1.84 10.36 10.59
C GLU C 215 2.26 11.81 10.47
N THR C 216 2.47 12.26 9.23
CA THR C 216 2.70 13.67 8.95
C THR C 216 1.35 14.37 9.07
N PRO C 217 1.35 15.70 9.22
CA PRO C 217 0.06 16.38 9.09
C PRO C 217 -0.67 16.06 7.78
N ALA C 218 0.04 16.01 6.65
CA ALA C 218 -0.59 15.76 5.34
C ALA C 218 -1.33 14.41 5.32
N GLU C 219 -0.74 13.44 5.98
CA GLU C 219 -1.33 12.12 6.04
C GLU C 219 -2.55 12.15 6.96
N TYR C 220 -2.41 12.75 8.12
CA TYR C 220 -3.54 12.96 9.01
C TYR C 220 -4.69 13.59 8.23
N LYS C 221 -4.35 14.69 7.64
CA LYS C 221 -5.47 15.44 6.81
C LYS C 221 -6.18 14.57 5.66
N PHE C 222 -5.27 13.81 4.99
CA PHE C 222 -5.70 12.85 3.97
C PHE C 222 -6.72 11.87 4.55
N TRP C 223 -6.34 11.17 5.62
CA TRP C 223 -7.21 10.15 6.18
C TRP C 223 -8.51 10.75 6.71
N GLY C 224 -8.42 11.92 7.33
CA GLY C 224 -9.65 12.59 7.81
C GLY C 224 -10.55 12.94 6.63
N GLN C 225 -9.95 13.32 5.50
CA GLN C 225 -10.72 13.76 4.34
C GLN C 225 -11.49 12.62 3.68
N VAL C 226 -10.99 11.39 3.81
CA VAL C 226 -11.63 10.25 3.15
C VAL C 226 -12.53 9.41 4.11
N GLY C 227 -12.66 9.87 5.35
CA GLY C 227 -13.67 9.30 6.25
C GLY C 227 -13.10 8.61 7.48
N GLY C 228 -11.81 8.79 7.70
CA GLY C 228 -11.19 8.35 8.93
C GLY C 228 -11.50 9.23 10.12
N ASP C 229 -11.74 8.59 11.27
CA ASP C 229 -11.92 9.31 12.52
C ASP C 229 -10.76 9.12 13.49
N ALA C 230 -10.12 7.95 13.46
CA ALA C 230 -8.98 7.66 14.30
C ALA C 230 -7.99 6.80 13.50
N ILE C 231 -6.70 6.85 13.85
CA ILE C 231 -5.64 6.11 13.12
C ILE C 231 -4.78 5.36 14.12
N GLY C 232 -4.44 4.13 13.77
CA GLY C 232 -3.48 3.38 14.56
C GLY C 232 -2.73 2.35 13.75
N SER C 234 -2.65 -1.27 14.40
CA SER C 234 -3.03 -2.64 14.67
C SER C 234 -4.45 -2.88 14.23
N THR C 235 -5.02 -3.96 14.77
CA THR C 235 -6.48 -4.19 14.84
C THR C 235 -7.07 -4.72 13.55
N VAL C 236 -6.98 -3.94 12.47
CA VAL C 236 -7.59 -4.37 11.22
C VAL C 236 -7.20 -5.79 10.79
N PRO C 237 -5.91 -6.14 10.91
CA PRO C 237 -5.49 -7.48 10.41
C PRO C 237 -6.19 -8.57 11.24
N GLU C 238 -6.15 -8.41 12.56
CA GLU C 238 -6.84 -9.35 13.44
CA GLU C 238 -6.85 -9.28 13.51
C GLU C 238 -8.34 -9.33 13.25
N VAL C 239 -8.89 -8.18 12.89
CA VAL C 239 -10.31 -8.11 12.62
C VAL C 239 -10.66 -8.84 11.34
N ILE C 240 -9.86 -8.66 10.27
CA ILE C 240 -10.12 -9.39 9.02
C ILE C 240 -10.05 -10.91 9.28
N VAL C 241 -9.04 -11.35 10.03
CA VAL C 241 -8.86 -12.78 10.31
C VAL C 241 -9.97 -13.32 11.23
N ALA C 242 -10.34 -12.56 12.25
CA ALA C 242 -11.54 -12.89 13.05
C ALA C 242 -12.78 -13.10 12.21
N ARG C 243 -13.12 -12.11 11.38
CA ARG C 243 -14.33 -12.22 10.56
C ARG C 243 -14.27 -13.35 9.57
N HIS C 244 -13.07 -13.59 9.03
CA HIS C 244 -12.86 -14.70 8.10
C HIS C 244 -13.32 -16.02 8.70
N THR C 245 -13.18 -16.12 10.00
CA THR C 245 -13.54 -17.34 10.68
C THR C 245 -14.78 -17.18 11.59
N GLY C 246 -15.58 -16.16 11.30
CA GLY C 246 -16.90 -16.03 11.93
C GLY C 246 -16.97 -15.60 13.39
N ILE C 247 -15.86 -15.10 13.91
CA ILE C 247 -15.82 -14.56 15.28
C ILE C 247 -16.51 -13.19 15.26
N ARG C 248 -17.43 -12.93 16.19
CA ARG C 248 -18.06 -11.59 16.22
C ARG C 248 -17.12 -10.59 16.90
N VAL C 249 -17.06 -9.38 16.36
CA VAL C 249 -16.00 -8.43 16.74
C VAL C 249 -16.62 -7.18 17.35
N PHE C 250 -16.07 -6.74 18.49
CA PHE C 250 -16.31 -5.37 18.99
C PHE C 250 -14.95 -4.68 19.19
N GLY C 251 -14.85 -3.41 18.80
CA GLY C 251 -13.59 -2.66 18.93
C GLY C 251 -13.76 -1.34 19.63
N SER C 253 -11.24 2.16 20.50
CA SER C 253 -10.00 2.91 20.57
C SER C 253 -10.01 3.85 21.75
N VAL C 254 -8.83 4.05 22.33
CA VAL C 254 -8.55 5.23 23.12
C VAL C 254 -7.84 6.25 22.24
N ILE C 255 -8.42 7.43 22.21
CA ILE C 255 -7.79 8.53 21.54
C ILE C 255 -6.67 9.05 22.42
N THR C 256 -5.42 8.78 22.03
CA THR C 256 -4.26 9.09 22.84
C THR C 256 -3.51 10.35 22.43
N ASN C 257 -3.97 10.97 21.36
CA ASN C 257 -3.32 12.15 20.79
C ASN C 257 -4.24 12.67 19.71
N GLU C 258 -4.05 13.94 19.38
CA GLU C 258 -4.83 14.58 18.35
C GLU C 258 -3.99 14.86 17.11
N GLY C 259 -4.37 14.23 16.00
CA GLY C 259 -3.69 14.41 14.71
C GLY C 259 -4.25 15.61 13.97
N TYR C 260 -4.33 16.70 14.68
CA TYR C 260 -4.83 17.93 14.13
C TYR C 260 -4.45 19.08 15.10
N HIS C 261 -4.69 20.35 14.75
CA HIS C 261 -4.41 21.51 15.61
C HIS C 261 -2.97 21.50 16.18
N PHE C 262 -2.00 21.16 15.34
CA PHE C 262 -0.61 21.01 15.82
C PHE C 262 -0.01 22.30 16.37
N ALA C 263 0.60 22.19 17.55
CA ALA C 263 1.36 23.29 18.13
C ALA C 263 2.66 23.42 17.36
N ASP C 264 3.23 24.63 17.35
CA ASP C 264 4.48 24.90 16.63
C ASP C 264 5.62 23.94 16.98
N ASP C 265 5.59 23.39 18.20
CA ASP C 265 6.64 22.49 18.70
C ASP C 265 6.07 21.19 19.28
N PHE C 266 4.93 20.76 18.75
CA PHE C 266 4.32 19.51 19.20
C PHE C 266 5.03 18.29 18.62
N VAL C 267 5.20 17.26 19.44
CA VAL C 267 5.68 15.97 18.95
C VAL C 267 4.95 14.80 19.60
N ASN C 268 4.44 13.88 18.79
CA ASN C 268 3.95 12.58 19.26
C ASN C 268 5.06 11.84 20.00
N ASP C 269 4.68 11.00 20.96
CA ASP C 269 5.63 10.34 21.86
C ASP C 269 5.06 9.03 22.37
N GLU C 270 5.85 7.96 22.23
CA GLU C 270 5.53 6.63 22.74
C GLU C 270 4.94 6.65 24.18
N GLN C 271 5.58 7.38 25.08
CA GLN C 271 5.16 7.44 26.48
C GLN C 271 3.89 8.26 26.76
N ASP C 272 3.65 9.29 25.96
CA ASP C 272 2.44 10.11 26.10
C ASP C 272 1.22 9.34 25.62
N VAL C 273 1.44 8.46 24.66
CA VAL C 273 0.38 7.64 24.18
C VAL C 273 0.04 6.61 25.25
N ILE C 274 1.06 5.94 25.78
CA ILE C 274 0.86 4.96 26.85
C ILE C 274 0.21 5.55 28.10
N ARG C 275 0.69 6.71 28.56
CA ARG C 275 0.07 7.41 29.70
C ARG C 275 -1.42 7.70 29.50
N ALA C 276 -1.75 8.24 28.32
CA ALA C 276 -3.12 8.58 27.97
C ALA C 276 -4.04 7.35 27.88
N ALA C 277 -3.51 6.27 27.32
CA ALA C 277 -4.23 4.99 27.35
C ALA C 277 -4.37 4.46 28.78
N ASN C 278 -3.30 4.55 29.58
CA ASN C 278 -3.32 4.11 30.99
C ASN C 278 -4.47 4.79 31.72
N ALA C 279 -4.62 6.10 31.50
CA ALA C 279 -5.61 6.90 32.20
C ALA C 279 -7.05 6.62 31.76
N ALA C 280 -7.22 6.02 30.59
CA ALA C 280 -8.57 5.71 30.07
C ALA C 280 -8.92 4.24 30.28
N SER C 281 -7.94 3.49 30.77
CA SER C 281 -8.07 2.04 30.96
C SER C 281 -9.24 1.61 31.83
N GLU C 282 -9.42 2.30 32.96
CA GLU C 282 -10.48 1.98 33.92
C GLU C 282 -11.88 2.12 33.31
N LYS C 283 -12.11 3.22 32.58
CA LYS C 283 -13.41 3.40 31.92
CA LYS C 283 -13.40 3.44 31.90
C LYS C 283 -13.66 2.37 30.82
N GLY C 285 -12.23 -0.54 30.60
CA GLY C 285 -12.34 -1.81 31.30
C GLY C 285 -13.75 -2.05 31.82
N ALA C 286 -14.37 -1.01 32.37
CA ALA C 286 -15.73 -1.09 32.93
C ALA C 286 -16.72 -1.49 31.86
N ILE C 287 -16.64 -0.82 30.71
CA ILE C 287 -17.44 -1.24 29.55
C ILE C 287 -17.20 -2.70 29.18
N PHE C 288 -15.94 -3.10 29.04
CA PHE C 288 -15.64 -4.48 28.63
C PHE C 288 -16.21 -5.50 29.64
N ALA C 289 -16.06 -5.19 30.93
CA ALA C 289 -16.58 -6.04 32.02
C ALA C 289 -18.08 -6.28 31.94
N ARG C 290 -18.85 -5.24 31.68
CA ARG C 290 -20.28 -5.45 31.55
C ARG C 290 -20.67 -6.01 30.16
N LEU C 291 -19.96 -5.59 29.11
CA LEU C 291 -20.18 -6.14 27.76
C LEU C 291 -19.94 -7.66 27.73
N ILE C 292 -18.84 -8.12 28.33
CA ILE C 292 -18.53 -9.56 28.34
C ILE C 292 -19.72 -10.38 28.93
N ALA C 293 -20.36 -9.86 29.98
CA ALA C 293 -21.48 -10.59 30.55
C ALA C 293 -22.76 -10.48 29.75
N ALA C 294 -22.84 -9.46 28.89
CA ALA C 294 -24.02 -9.15 28.11
C ALA C 294 -24.11 -9.91 26.79
N VAL C 295 -22.97 -10.26 26.20
CA VAL C 295 -22.99 -10.90 24.88
C VAL C 295 -23.35 -12.40 24.91
#